data_7AIU
#
_entry.id   7AIU
#
_cell.length_a   91.900
_cell.length_b   105.670
_cell.length_c   150.720
_cell.angle_alpha   90.000
_cell.angle_beta   90.000
_cell.angle_gamma   90.000
#
_symmetry.space_group_name_H-M   'P 21 21 21'
#
loop_
_entity.id
_entity.type
_entity.pdbx_description
1 polymer Acetylcholinesterase
2 non-polymer DI(HYDROXYETHYL)ETHER
3 non-polymer 2-acetamido-2-deoxy-beta-D-glucopyranose
4 non-polymer 8-[(3-Chloro-6,7,10,11-tetrahydro-9-methyl-7,11-methanocycloocta[b]quinolin-12-yl)amino]-N-(4-hydroxy-3-methoxybenzyl)octanamide
5 non-polymer 'CHLORIDE ION'
6 water water
#
_entity_poly.entity_id   1
_entity_poly.type   'polypeptide(L)'
_entity_poly.pdbx_seq_one_letter_code
;MNLLVTSSLGVLLHLVVLCQADDHSELLVNTKSGKVMGTRVPVLSSHISAFLGIPFAEPPVGNMRFRRPEPKKPWSGVWN
ASTYPNNCQQYVDEQFPGFSGSEMWNPNREMSEDCLYLNIWVPSPRPKSTTVMVWIYGGGFYSGSSTLDVYNGKYLAYTE
EVVLVSLSYRVGAFGFLALHGSQEAPGNVGLLDQRMALQWVHDNIQFFGGDPKTVTIFGESAGGASVGMHILSPGSRDLF
RRAILQSGSPNCPWASVSVAEGRRRAVELGRNLNCNLNSDEELIHCLREKKPQELIDVEWNVLPFDSIFRFSFVPVIDGE
FFPTSLESMLNSGNFKKTQILLGVNKDEGSFFLLYGAPGFSKDSESKISREDFMSGVKLSVPHANDLGLDAVTLQYTDWM
DDNNGIKNRDGLDDIVGDHNVICPLMHFVNKYTKFGNGTYLYFFNHRASNLVWPEWMGVIHGYEIEFVFGLPLVKELNYT
AEEEALSRRIMHYWATFAKTGNPNEPHSQESKWPLFTTKEQKFIDLNTEPMKVHQRLRVQMCVFWNQFLPKLLNATACDG
ELSSSGTSSSKGIIFYVLFSILYLIF
;
_entity_poly.pdbx_strand_id   A,B
#
# COMPACT_ATOMS: atom_id res chain seq x y z
N SER A 25 -2.64 -21.03 -60.86
CA SER A 25 -3.82 -20.22 -61.16
C SER A 25 -4.37 -19.61 -59.86
N GLU A 26 -4.87 -20.49 -59.00
CA GLU A 26 -5.17 -20.08 -57.63
C GLU A 26 -3.90 -19.76 -56.87
N LEU A 27 -2.83 -20.51 -57.11
CA LEU A 27 -1.55 -20.36 -56.43
C LEU A 27 -0.60 -19.39 -57.13
N LEU A 28 -0.90 -18.97 -58.36
CA LEU A 28 -0.03 -18.04 -59.08
C LEU A 28 -0.66 -16.66 -59.00
N VAL A 29 0.04 -15.72 -58.37
CA VAL A 29 -0.48 -14.38 -58.16
C VAL A 29 0.56 -13.37 -58.64
N ASN A 30 0.12 -12.43 -59.48
CA ASN A 30 0.99 -11.35 -59.92
CA ASN A 30 0.97 -11.34 -59.95
C ASN A 30 0.80 -10.16 -58.99
N THR A 31 1.87 -9.78 -58.30
CA THR A 31 1.84 -8.66 -57.40
C THR A 31 2.49 -7.47 -58.09
N LYS A 32 2.40 -6.31 -57.44
CA LYS A 32 3.03 -5.12 -58.00
C LYS A 32 4.54 -5.23 -58.04
N SER A 33 5.13 -6.20 -57.35
CA SER A 33 6.57 -6.38 -57.34
C SER A 33 7.03 -7.56 -58.18
N GLY A 34 6.12 -8.40 -58.61
CA GLY A 34 6.49 -9.57 -59.40
C GLY A 34 5.53 -10.70 -59.11
N LYS A 35 5.70 -11.77 -59.86
CA LYS A 35 4.87 -12.97 -59.72
C LYS A 35 5.34 -13.84 -58.56
N VAL A 36 4.37 -14.48 -57.92
CA VAL A 36 4.61 -15.37 -56.79
CA VAL A 36 4.64 -15.39 -56.80
C VAL A 36 3.82 -16.66 -57.01
N MET A 37 4.42 -17.80 -56.69
CA MET A 37 3.81 -19.13 -56.77
C MET A 37 3.67 -19.69 -55.35
N GLY A 38 2.42 -19.77 -54.86
CA GLY A 38 2.15 -20.34 -53.57
C GLY A 38 2.11 -21.86 -53.61
N THR A 39 1.62 -22.45 -52.52
CA THR A 39 1.55 -23.90 -52.34
C THR A 39 0.21 -24.26 -51.71
N ARG A 40 -0.34 -25.43 -52.05
CA ARG A 40 -1.61 -25.88 -51.48
CA ARG A 40 -1.60 -25.88 -51.50
C ARG A 40 -1.33 -26.70 -50.23
N VAL A 41 -1.79 -26.21 -49.09
CA VAL A 41 -1.46 -26.89 -47.84
C VAL A 41 -2.69 -27.58 -47.23
N PRO A 42 -2.52 -28.74 -46.61
CA PRO A 42 -3.61 -29.33 -45.84
C PRO A 42 -3.88 -28.58 -44.55
N VAL A 43 -5.17 -28.39 -44.25
CA VAL A 43 -5.58 -27.81 -42.97
C VAL A 43 -6.75 -28.65 -42.48
N LEU A 44 -6.55 -29.35 -41.37
CA LEU A 44 -7.56 -30.24 -40.81
C LEU A 44 -7.96 -31.29 -41.85
N SER A 45 -9.17 -31.19 -42.41
CA SER A 45 -9.62 -32.13 -43.43
C SER A 45 -9.76 -31.47 -44.80
N SER A 46 -9.34 -30.22 -44.94
CA SER A 46 -9.51 -29.46 -46.16
C SER A 46 -8.13 -29.01 -46.64
N HIS A 47 -8.09 -27.98 -47.48
CA HIS A 47 -6.84 -27.39 -47.93
C HIS A 47 -7.04 -25.89 -48.05
N ILE A 48 -5.93 -25.13 -48.01
CA ILE A 48 -5.95 -23.72 -48.36
C ILE A 48 -4.66 -23.36 -49.08
N SER A 49 -4.55 -22.11 -49.53
CA SER A 49 -3.38 -21.64 -50.25
C SER A 49 -2.43 -20.94 -49.27
N ALA A 50 -1.14 -21.21 -49.42
CA ALA A 50 -0.10 -20.60 -48.61
C ALA A 50 0.97 -19.98 -49.52
N PHE A 51 1.27 -18.71 -49.26
CA PHE A 51 2.35 -17.99 -49.95
C PHE A 51 3.38 -17.65 -48.88
N LEU A 52 4.47 -18.40 -48.84
CA LEU A 52 5.45 -18.31 -47.77
C LEU A 52 6.73 -17.63 -48.25
N GLY A 53 7.26 -16.72 -47.44
CA GLY A 53 8.54 -16.11 -47.72
C GLY A 53 8.53 -15.15 -48.89
N ILE A 54 7.49 -14.32 -49.00
CA ILE A 54 7.41 -13.27 -50.01
C ILE A 54 8.24 -12.07 -49.54
N PRO A 55 9.21 -11.61 -50.32
CA PRO A 55 10.03 -10.46 -49.87
C PRO A 55 9.26 -9.16 -49.97
N PHE A 56 9.34 -8.33 -48.92
CA PHE A 56 8.75 -6.98 -48.97
C PHE A 56 9.78 -5.87 -48.87
N ALA A 57 11.04 -6.20 -48.67
CA ALA A 57 12.06 -5.17 -48.53
C ALA A 57 13.33 -5.67 -49.19
N GLU A 58 14.22 -4.73 -49.52
CA GLU A 58 15.57 -5.13 -49.91
C GLU A 58 16.28 -5.74 -48.70
N PRO A 59 17.12 -6.74 -48.90
CA PRO A 59 17.87 -7.33 -47.76
C PRO A 59 18.67 -6.26 -47.05
N PRO A 60 18.45 -6.08 -45.75
CA PRO A 60 19.17 -5.02 -45.03
C PRO A 60 20.55 -5.49 -44.58
N VAL A 61 21.41 -5.79 -45.55
CA VAL A 61 22.70 -6.38 -45.29
C VAL A 61 23.80 -5.40 -45.67
N GLY A 62 25.00 -5.66 -45.18
CA GLY A 62 26.14 -4.85 -45.59
C GLY A 62 25.98 -3.43 -45.10
N ASN A 63 26.21 -2.47 -46.00
CA ASN A 63 26.06 -1.05 -45.69
C ASN A 63 24.63 -0.68 -45.33
N MET A 64 23.67 -1.58 -45.52
CA MET A 64 22.31 -1.28 -45.14
C MET A 64 21.96 -1.77 -43.75
N ARG A 65 22.90 -2.40 -43.04
CA ARG A 65 22.64 -2.75 -41.66
C ARG A 65 22.39 -1.48 -40.85
N PHE A 66 21.37 -1.53 -40.00
CA PHE A 66 20.87 -0.46 -39.11
C PHE A 66 20.10 0.63 -39.86
N ARG A 67 19.98 0.54 -41.18
CA ARG A 67 19.32 1.57 -41.97
CA ARG A 67 19.31 1.60 -41.91
C ARG A 67 17.83 1.29 -42.09
N ARG A 68 17.07 2.35 -42.35
CA ARG A 68 15.67 2.20 -42.71
C ARG A 68 15.56 1.20 -43.87
N PRO A 69 14.50 0.39 -43.90
CA PRO A 69 14.33 -0.54 -45.02
C PRO A 69 14.00 0.22 -46.29
N GLU A 70 14.36 -0.37 -47.43
CA GLU A 70 13.93 0.15 -48.75
C GLU A 70 13.06 -0.88 -49.46
N PRO A 71 12.07 -0.43 -50.25
CA PRO A 71 11.16 -1.39 -50.88
C PRO A 71 11.92 -2.42 -51.69
N LYS A 72 11.39 -3.63 -51.73
CA LYS A 72 11.99 -4.69 -52.51
C LYS A 72 11.93 -4.33 -53.99
N LYS A 73 13.07 -4.34 -54.66
CA LYS A 73 13.09 -4.09 -56.10
C LYS A 73 12.32 -5.19 -56.82
N PRO A 74 11.43 -4.85 -57.75
CA PRO A 74 10.66 -5.88 -58.47
C PRO A 74 11.56 -6.86 -59.21
N TRP A 75 11.09 -8.10 -59.28
CA TRP A 75 11.82 -9.21 -59.88
C TRP A 75 11.07 -9.71 -61.11
N SER A 76 11.82 -10.20 -62.09
CA SER A 76 11.20 -10.94 -63.17
C SER A 76 11.15 -12.42 -62.77
N GLY A 77 10.39 -13.19 -63.52
CA GLY A 77 10.22 -14.58 -63.16
C GLY A 77 9.24 -14.76 -62.01
N VAL A 78 9.16 -16.00 -61.55
CA VAL A 78 8.19 -16.38 -60.55
C VAL A 78 8.91 -16.60 -59.23
N TRP A 79 8.51 -15.85 -58.19
CA TRP A 79 9.05 -16.09 -56.87
C TRP A 79 8.46 -17.39 -56.32
N ASN A 80 9.32 -18.27 -55.87
CA ASN A 80 8.91 -19.53 -55.25
C ASN A 80 8.52 -19.21 -53.83
N ALA A 81 7.22 -19.09 -53.58
CA ALA A 81 6.70 -18.85 -52.22
C ALA A 81 6.14 -20.12 -51.61
N SER A 82 6.82 -21.24 -51.79
CA SER A 82 6.35 -22.50 -51.25
C SER A 82 7.04 -22.88 -49.95
N THR A 83 7.97 -22.05 -49.48
CA THR A 83 8.90 -22.41 -48.42
C THR A 83 9.05 -21.24 -47.44
N TYR A 84 9.06 -21.52 -46.13
CA TYR A 84 9.28 -20.47 -45.14
C TYR A 84 10.62 -19.77 -45.39
N PRO A 85 10.70 -18.48 -45.10
CA PRO A 85 11.96 -17.75 -45.26
C PRO A 85 12.91 -18.01 -44.09
N ASN A 86 14.10 -17.41 -44.18
CA ASN A 86 15.02 -17.36 -43.06
C ASN A 86 14.41 -16.55 -41.91
N ASN A 87 14.96 -16.73 -40.72
CA ASN A 87 14.64 -15.93 -39.54
C ASN A 87 15.69 -14.86 -39.31
N CYS A 88 15.27 -13.73 -38.72
CA CYS A 88 16.22 -12.65 -38.47
C CYS A 88 17.23 -13.07 -37.41
N GLN A 89 18.37 -12.38 -37.43
CA GLN A 89 19.46 -12.73 -36.52
C GLN A 89 19.06 -12.35 -35.10
N GLN A 90 19.23 -13.28 -34.16
CA GLN A 90 18.72 -13.07 -32.81
C GLN A 90 19.41 -14.00 -31.82
N TYR A 91 19.38 -13.56 -30.56
CA TYR A 91 19.77 -14.39 -29.44
C TYR A 91 18.95 -15.68 -29.40
N VAL A 92 19.63 -16.82 -29.25
CA VAL A 92 18.97 -18.12 -29.19
C VAL A 92 19.04 -18.62 -27.75
N ASP A 93 17.88 -19.00 -27.20
CA ASP A 93 17.79 -19.47 -25.83
C ASP A 93 18.27 -20.90 -25.72
N GLU A 94 19.28 -21.16 -24.88
CA GLU A 94 19.81 -22.50 -24.67
CA GLU A 94 19.78 -22.51 -24.68
C GLU A 94 19.67 -22.95 -23.22
N GLN A 95 18.80 -22.28 -22.44
CA GLN A 95 18.63 -22.64 -21.04
C GLN A 95 18.22 -24.10 -20.89
N PHE A 96 17.22 -24.53 -21.67
CA PHE A 96 16.65 -25.87 -21.56
C PHE A 96 16.76 -26.55 -22.92
N PRO A 97 17.94 -27.04 -23.28
CA PRO A 97 18.14 -27.53 -24.66
C PRO A 97 17.27 -28.74 -24.95
N GLY A 98 16.64 -28.73 -26.11
CA GLY A 98 15.72 -29.79 -26.50
C GLY A 98 14.35 -29.77 -25.83
N PHE A 99 14.12 -28.87 -24.86
CA PHE A 99 12.85 -28.84 -24.14
C PHE A 99 11.79 -28.16 -25.00
N SER A 100 10.68 -28.85 -25.23
CA SER A 100 9.69 -28.32 -26.18
C SER A 100 9.14 -26.98 -25.73
N GLY A 101 9.02 -26.76 -24.41
CA GLY A 101 8.42 -25.54 -23.91
C GLY A 101 9.23 -24.31 -24.22
N SER A 102 10.55 -24.44 -24.31
CA SER A 102 11.40 -23.32 -24.72
C SER A 102 11.76 -23.36 -26.20
N GLU A 103 11.93 -24.55 -26.80
CA GLU A 103 12.35 -24.61 -28.20
C GLU A 103 11.27 -24.12 -29.15
N MET A 104 10.00 -24.26 -28.78
CA MET A 104 8.90 -23.72 -29.59
C MET A 104 9.01 -22.23 -29.84
N TRP A 105 9.87 -21.52 -29.13
CA TRP A 105 10.04 -20.08 -29.33
C TRP A 105 11.30 -19.73 -30.13
N ASN A 106 12.21 -20.67 -30.30
CA ASN A 106 13.47 -20.39 -30.96
C ASN A 106 13.29 -20.42 -32.47
N PRO A 107 14.18 -19.75 -33.21
CA PRO A 107 14.11 -19.86 -34.68
C PRO A 107 14.17 -21.31 -35.13
N ASN A 108 13.25 -21.68 -36.03
CA ASN A 108 13.19 -23.02 -36.59
C ASN A 108 13.61 -23.02 -38.06
N ARG A 109 14.22 -21.91 -38.49
CA ARG A 109 14.84 -21.82 -39.80
CA ARG A 109 14.82 -21.76 -39.81
C ARG A 109 16.20 -21.16 -39.61
N GLU A 110 17.06 -21.30 -40.62
CA GLU A 110 18.34 -20.62 -40.54
C GLU A 110 18.14 -19.12 -40.33
N MET A 111 19.00 -18.54 -39.52
CA MET A 111 19.00 -17.11 -39.22
C MET A 111 19.85 -16.38 -40.24
N SER A 112 19.38 -15.20 -40.64
CA SER A 112 20.10 -14.40 -41.63
C SER A 112 19.63 -12.97 -41.51
N GLU A 113 20.53 -12.04 -41.81
CA GLU A 113 20.12 -10.65 -41.91
C GLU A 113 19.19 -10.44 -43.09
N ASP A 114 19.27 -11.33 -44.09
CA ASP A 114 18.34 -11.41 -45.20
C ASP A 114 17.09 -12.12 -44.70
N CYS A 115 16.19 -11.34 -44.08
CA CYS A 115 15.08 -11.94 -43.34
C CYS A 115 13.78 -11.15 -43.43
N LEU A 116 13.71 -10.10 -44.24
CA LEU A 116 12.49 -9.27 -44.34
C LEU A 116 11.52 -9.89 -45.34
N TYR A 117 10.71 -10.82 -44.87
CA TYR A 117 9.74 -11.55 -45.69
C TYR A 117 8.41 -11.63 -44.96
N LEU A 118 7.36 -11.92 -45.70
CA LEU A 118 6.05 -12.12 -45.11
C LEU A 118 5.41 -13.39 -45.67
N ASN A 119 4.44 -13.92 -44.93
CA ASN A 119 3.71 -15.14 -45.26
C ASN A 119 2.23 -14.84 -45.32
N ILE A 120 1.52 -15.49 -46.25
CA ILE A 120 0.10 -15.27 -46.47
C ILE A 120 -0.62 -16.61 -46.57
N TRP A 121 -1.72 -16.75 -45.82
CA TRP A 121 -2.64 -17.89 -45.96
C TRP A 121 -3.97 -17.38 -46.50
N VAL A 122 -4.42 -17.98 -47.60
CA VAL A 122 -5.61 -17.54 -48.33
C VAL A 122 -6.63 -18.65 -48.29
N PRO A 123 -7.90 -18.38 -47.96
CA PRO A 123 -8.93 -19.42 -48.07
C PRO A 123 -9.06 -19.92 -49.51
N SER A 124 -9.40 -21.20 -49.66
CA SER A 124 -9.62 -21.81 -50.96
C SER A 124 -11.07 -22.26 -51.07
N PRO A 125 -11.86 -21.75 -52.02
CA PRO A 125 -11.40 -20.88 -53.11
C PRO A 125 -11.14 -19.43 -52.67
N ARG A 126 -10.39 -18.70 -53.48
CA ARG A 126 -9.95 -17.37 -53.09
C ARG A 126 -11.15 -16.44 -52.92
N PRO A 127 -11.25 -15.71 -51.80
CA PRO A 127 -12.37 -14.79 -51.60
C PRO A 127 -12.23 -13.55 -52.47
N LYS A 128 -13.33 -12.80 -52.57
CA LYS A 128 -13.34 -11.62 -53.41
C LYS A 128 -12.57 -10.48 -52.74
N SER A 129 -13.10 -9.93 -51.64
CA SER A 129 -12.32 -8.96 -50.85
C SER A 129 -12.70 -9.15 -49.38
N THR A 130 -11.97 -10.00 -48.70
CA THR A 130 -12.31 -10.41 -47.35
C THR A 130 -11.42 -9.71 -46.31
N THR A 131 -11.82 -9.84 -45.04
CA THR A 131 -11.06 -9.32 -43.91
C THR A 131 -9.61 -9.82 -43.91
N VAL A 132 -8.69 -8.92 -43.59
CA VAL A 132 -7.26 -9.22 -43.52
C VAL A 132 -6.81 -9.11 -42.07
N MET A 133 -6.02 -10.06 -41.60
CA MET A 133 -5.38 -9.98 -40.29
C MET A 133 -3.88 -10.16 -40.44
N VAL A 134 -3.11 -9.24 -39.88
CA VAL A 134 -1.66 -9.20 -40.02
C VAL A 134 -1.06 -9.40 -38.64
N TRP A 135 -0.36 -10.51 -38.46
CA TRP A 135 0.25 -10.89 -37.19
C TRP A 135 1.65 -10.31 -37.06
N ILE A 136 1.95 -9.73 -35.91
CA ILE A 136 3.26 -9.17 -35.61
C ILE A 136 3.81 -9.91 -34.40
N TYR A 137 4.84 -10.72 -34.61
CA TYR A 137 5.35 -11.53 -33.50
C TYR A 137 6.00 -10.64 -32.44
N GLY A 138 5.94 -11.12 -31.20
CA GLY A 138 6.62 -10.52 -30.09
C GLY A 138 7.96 -11.16 -29.85
N GLY A 139 8.45 -11.01 -28.63
CA GLY A 139 9.78 -11.45 -28.29
C GLY A 139 10.67 -10.35 -27.77
N GLY A 140 10.09 -9.36 -27.09
CA GLY A 140 10.87 -8.35 -26.39
C GLY A 140 11.67 -7.40 -27.27
N PHE A 141 11.39 -7.37 -28.58
CA PHE A 141 12.19 -6.68 -29.58
C PHE A 141 13.59 -7.26 -29.79
N TYR A 142 13.93 -8.40 -29.15
CA TYR A 142 15.26 -9.00 -29.35
C TYR A 142 15.17 -10.36 -30.02
N SER A 143 13.98 -10.91 -30.18
CA SER A 143 13.79 -12.25 -30.71
C SER A 143 12.45 -12.32 -31.42
N GLY A 144 12.22 -13.45 -32.09
CA GLY A 144 10.92 -13.78 -32.64
C GLY A 144 11.06 -14.14 -34.12
N SER A 145 10.12 -14.96 -34.60
CA SER A 145 10.10 -15.46 -35.97
C SER A 145 8.66 -15.59 -36.43
N SER A 146 8.41 -15.23 -37.69
CA SER A 146 7.11 -15.46 -38.32
C SER A 146 6.80 -16.93 -38.58
N THR A 147 7.78 -17.82 -38.42
CA THR A 147 7.67 -19.19 -38.90
C THR A 147 7.50 -20.23 -37.81
N LEU A 148 7.39 -19.84 -36.54
CA LEU A 148 7.13 -20.78 -35.47
C LEU A 148 5.84 -21.56 -35.74
N ASP A 149 5.83 -22.82 -35.29
CA ASP A 149 4.62 -23.63 -35.39
C ASP A 149 3.42 -22.92 -34.79
N VAL A 150 3.60 -22.30 -33.63
CA VAL A 150 2.48 -21.70 -32.92
C VAL A 150 1.90 -20.50 -33.70
N TYR A 151 2.63 -19.97 -34.68
CA TYR A 151 2.12 -18.89 -35.52
C TYR A 151 1.63 -19.38 -36.90
N ASN A 152 1.46 -20.69 -37.09
CA ASN A 152 0.99 -21.21 -38.38
C ASN A 152 -0.41 -20.70 -38.64
N GLY A 153 -0.57 -19.92 -39.70
CA GLY A 153 -1.84 -19.27 -39.87
C GLY A 153 -2.94 -20.03 -40.56
N LYS A 154 -2.72 -21.31 -40.90
CA LYS A 154 -3.69 -22.00 -41.75
C LYS A 154 -5.02 -22.23 -41.05
N TYR A 155 -5.00 -22.48 -39.74
CA TYR A 155 -6.23 -22.82 -39.02
C TYR A 155 -7.13 -21.61 -38.88
N LEU A 156 -6.56 -20.45 -38.54
CA LEU A 156 -7.34 -19.23 -38.45
C LEU A 156 -7.87 -18.81 -39.83
N ALA A 157 -7.01 -18.80 -40.86
CA ALA A 157 -7.45 -18.43 -42.20
C ALA A 157 -8.59 -19.33 -42.68
N TYR A 158 -8.43 -20.64 -42.49
CA TYR A 158 -9.46 -21.59 -42.90
C TYR A 158 -10.72 -21.47 -42.05
N THR A 159 -10.58 -21.46 -40.72
CA THR A 159 -11.77 -21.53 -39.88
C THR A 159 -12.61 -20.26 -39.97
N GLU A 160 -11.95 -19.10 -40.00
CA GLU A 160 -12.65 -17.83 -39.99
C GLU A 160 -12.74 -17.18 -41.36
N GLU A 161 -12.22 -17.82 -42.39
CA GLU A 161 -12.28 -17.31 -43.77
C GLU A 161 -11.75 -15.88 -43.84
N VAL A 162 -10.53 -15.69 -43.32
CA VAL A 162 -9.82 -14.43 -43.42
C VAL A 162 -8.52 -14.68 -44.18
N VAL A 163 -7.95 -13.61 -44.69
CA VAL A 163 -6.61 -13.67 -45.27
C VAL A 163 -5.64 -13.32 -44.14
N LEU A 164 -4.85 -14.30 -43.73
CA LEU A 164 -3.94 -14.14 -42.61
C LEU A 164 -2.52 -13.91 -43.12
N VAL A 165 -1.93 -12.79 -42.73
CA VAL A 165 -0.56 -12.43 -43.07
C VAL A 165 0.28 -12.46 -41.81
N SER A 166 1.51 -12.96 -41.90
CA SER A 166 2.48 -12.76 -40.82
C SER A 166 3.71 -12.07 -41.39
N LEU A 167 4.12 -10.96 -40.78
CA LEU A 167 5.28 -10.23 -41.26
C LEU A 167 6.51 -10.61 -40.43
N SER A 168 7.64 -10.00 -40.77
CA SER A 168 8.86 -10.10 -39.99
C SER A 168 9.47 -8.72 -39.88
N TYR A 169 10.40 -8.57 -38.95
CA TYR A 169 11.09 -7.30 -38.77
C TYR A 169 12.38 -7.57 -38.03
N ARG A 170 13.33 -6.66 -38.18
CA ARG A 170 14.62 -6.84 -37.53
C ARG A 170 14.48 -6.68 -36.03
N VAL A 171 15.13 -7.56 -35.28
CA VAL A 171 15.13 -7.48 -33.82
C VAL A 171 16.54 -7.21 -33.34
N GLY A 172 16.66 -6.90 -32.03
CA GLY A 172 17.97 -6.63 -31.44
C GLY A 172 18.56 -5.33 -31.99
N ALA A 173 19.90 -5.24 -31.88
CA ALA A 173 20.62 -4.14 -32.49
C ALA A 173 20.30 -3.95 -33.98
N PHE A 174 20.03 -5.04 -34.71
CA PHE A 174 19.75 -4.92 -36.14
C PHE A 174 18.50 -4.10 -36.42
N GLY A 175 17.55 -4.10 -35.49
CA GLY A 175 16.31 -3.39 -35.66
C GLY A 175 16.24 -2.10 -34.89
N PHE A 176 17.02 -1.95 -33.82
CA PHE A 176 16.71 -0.88 -32.88
C PHE A 176 17.92 -0.16 -32.32
N LEU A 177 19.13 -0.42 -32.84
CA LEU A 177 20.25 0.44 -32.54
C LEU A 177 19.92 1.87 -32.93
N ALA A 178 20.07 2.80 -31.97
CA ALA A 178 19.60 4.17 -32.17
C ALA A 178 20.70 5.17 -31.85
N LEU A 179 21.22 5.82 -32.88
CA LEU A 179 22.12 6.96 -32.75
C LEU A 179 21.38 8.15 -33.36
N HIS A 180 20.46 8.73 -32.60
CA HIS A 180 19.60 9.78 -33.14
C HIS A 180 20.43 10.93 -33.69
N GLY A 181 20.02 11.45 -34.84
CA GLY A 181 20.81 12.42 -35.58
C GLY A 181 21.50 11.81 -36.78
N SER A 182 21.94 10.56 -36.66
CA SER A 182 22.48 9.82 -37.79
C SER A 182 21.34 9.32 -38.65
N GLN A 183 21.51 9.42 -39.97
CA GLN A 183 20.57 8.80 -40.88
C GLN A 183 20.97 7.38 -41.21
N GLU A 184 22.15 6.94 -40.77
CA GLU A 184 22.68 5.61 -41.03
C GLU A 184 22.23 4.60 -39.99
N ALA A 185 22.00 5.03 -38.75
CA ALA A 185 21.45 4.19 -37.69
C ALA A 185 20.49 5.02 -36.84
N PRO A 186 19.31 5.37 -37.38
CA PRO A 186 18.44 6.33 -36.68
C PRO A 186 17.63 5.77 -35.54
N GLY A 187 17.56 4.45 -35.38
CA GLY A 187 16.61 3.85 -34.48
C GLY A 187 15.30 3.52 -35.17
N ASN A 188 14.54 2.63 -34.54
CA ASN A 188 13.19 2.26 -34.94
C ASN A 188 13.09 1.57 -36.29
N VAL A 189 14.20 1.16 -36.92
CA VAL A 189 14.09 0.59 -38.27
C VAL A 189 13.31 -0.72 -38.24
N GLY A 190 13.31 -1.45 -37.11
CA GLY A 190 12.42 -2.60 -37.00
C GLY A 190 10.96 -2.22 -37.11
N LEU A 191 10.56 -1.12 -36.45
CA LEU A 191 9.19 -0.63 -36.63
C LEU A 191 8.91 -0.21 -38.08
N LEU A 192 9.90 0.42 -38.72
CA LEU A 192 9.74 0.75 -40.14
C LEU A 192 9.68 -0.50 -41.01
N ASP A 193 10.40 -1.57 -40.66
CA ASP A 193 10.20 -2.85 -41.37
C ASP A 193 8.74 -3.25 -41.34
N GLN A 194 8.13 -3.26 -40.14
CA GLN A 194 6.73 -3.63 -40.00
C GLN A 194 5.84 -2.70 -40.84
N ARG A 195 6.16 -1.41 -40.86
CA ARG A 195 5.37 -0.47 -41.64
C ARG A 195 5.48 -0.79 -43.13
N MET A 196 6.69 -1.10 -43.61
CA MET A 196 6.83 -1.39 -45.01
C MET A 196 6.10 -2.66 -45.40
N ALA A 197 6.03 -3.63 -44.48
CA ALA A 197 5.21 -4.81 -44.76
C ALA A 197 3.72 -4.44 -44.79
N LEU A 198 3.28 -3.57 -43.87
CA LEU A 198 1.91 -3.08 -43.92
C LEU A 198 1.64 -2.33 -45.21
N GLN A 199 2.59 -1.49 -45.64
CA GLN A 199 2.45 -0.82 -46.92
C GLN A 199 2.36 -1.82 -48.07
N TRP A 200 3.12 -2.93 -48.00
CA TRP A 200 3.01 -3.97 -49.02
C TRP A 200 1.63 -4.60 -49.02
N VAL A 201 1.12 -4.96 -47.84
CA VAL A 201 -0.24 -5.49 -47.69
C VAL A 201 -1.25 -4.52 -48.30
N HIS A 202 -1.14 -3.24 -47.93
CA HIS A 202 -1.99 -2.20 -48.48
C HIS A 202 -1.98 -2.22 -50.01
N ASP A 203 -0.81 -2.44 -50.60
CA ASP A 203 -0.65 -2.35 -52.04
C ASP A 203 -1.01 -3.62 -52.78
N ASN A 204 -0.89 -4.79 -52.14
CA ASN A 204 -0.95 -6.05 -52.85
C ASN A 204 -2.00 -7.03 -52.36
N ILE A 205 -2.55 -6.85 -51.15
CA ILE A 205 -3.35 -7.91 -50.57
C ILE A 205 -4.62 -8.14 -51.39
N GLN A 206 -5.09 -7.10 -52.11
CA GLN A 206 -6.25 -7.27 -52.98
C GLN A 206 -6.04 -8.35 -54.04
N PHE A 207 -4.78 -8.61 -54.44
CA PHE A 207 -4.52 -9.65 -55.45
C PHE A 207 -4.58 -11.04 -54.86
N PHE A 208 -4.61 -11.16 -53.53
CA PHE A 208 -4.79 -12.42 -52.84
C PHE A 208 -6.21 -12.60 -52.33
N GLY A 209 -7.11 -11.68 -52.65
CA GLY A 209 -8.48 -11.77 -52.20
C GLY A 209 -8.78 -11.03 -50.92
N GLY A 210 -7.92 -10.10 -50.50
CA GLY A 210 -8.07 -9.38 -49.24
C GLY A 210 -8.51 -7.94 -49.46
N ASP A 211 -9.30 -7.43 -48.53
CA ASP A 211 -9.71 -6.04 -48.60
C ASP A 211 -8.70 -5.16 -47.87
N PRO A 212 -7.89 -4.36 -48.57
CA PRO A 212 -6.90 -3.52 -47.87
C PRO A 212 -7.53 -2.43 -47.03
N LYS A 213 -8.84 -2.20 -47.17
CA LYS A 213 -9.57 -1.27 -46.31
C LYS A 213 -9.99 -1.89 -45.00
N THR A 214 -9.86 -3.21 -44.84
CA THR A 214 -10.29 -3.88 -43.63
C THR A 214 -9.14 -4.78 -43.14
N VAL A 215 -8.02 -4.14 -42.78
CA VAL A 215 -6.86 -4.83 -42.25
C VAL A 215 -6.81 -4.60 -40.74
N THR A 216 -6.73 -5.68 -39.99
CA THR A 216 -6.52 -5.66 -38.55
C THR A 216 -5.09 -6.11 -38.28
N ILE A 217 -4.29 -5.28 -37.63
CA ILE A 217 -2.99 -5.74 -37.14
C ILE A 217 -3.18 -6.30 -35.74
N PHE A 218 -2.42 -7.36 -35.42
CA PHE A 218 -2.46 -7.91 -34.08
C PHE A 218 -1.11 -8.54 -33.74
N GLY A 219 -0.78 -8.50 -32.45
CA GLY A 219 0.48 -9.04 -32.00
C GLY A 219 0.49 -9.23 -30.50
N GLU A 220 1.47 -10.01 -30.04
CA GLU A 220 1.62 -10.31 -28.62
C GLU A 220 2.98 -9.79 -28.13
N SER A 221 3.04 -9.40 -26.86
CA SER A 221 4.31 -8.99 -26.23
C SER A 221 4.84 -7.79 -27.00
N ALA A 222 6.09 -7.81 -27.47
CA ALA A 222 6.59 -6.70 -28.29
C ALA A 222 5.73 -6.50 -29.53
N GLY A 223 5.05 -7.54 -30.00
CA GLY A 223 4.10 -7.37 -31.09
C GLY A 223 2.88 -6.55 -30.68
N GLY A 224 2.39 -6.75 -29.45
CA GLY A 224 1.32 -5.89 -28.95
C GLY A 224 1.77 -4.46 -28.79
N ALA A 225 2.94 -4.25 -28.18
CA ALA A 225 3.52 -2.90 -28.11
C ALA A 225 3.61 -2.27 -29.49
N SER A 226 4.16 -3.02 -30.46
CA SER A 226 4.29 -2.53 -31.83
C SER A 226 2.94 -2.08 -32.38
N VAL A 227 1.91 -2.89 -32.18
CA VAL A 227 0.58 -2.54 -32.67
C VAL A 227 0.15 -1.20 -32.10
N GLY A 228 0.34 -1.01 -30.80
CA GLY A 228 0.01 0.27 -30.20
C GLY A 228 0.86 1.39 -30.75
N MET A 229 2.11 1.09 -31.10
CA MET A 229 2.99 2.14 -31.62
C MET A 229 2.54 2.59 -33.02
N HIS A 230 2.01 1.68 -33.83
CA HIS A 230 1.48 2.06 -35.15
C HIS A 230 0.19 2.86 -35.01
N ILE A 231 -0.57 2.62 -33.93
CA ILE A 231 -1.71 3.47 -33.60
C ILE A 231 -1.25 4.90 -33.31
N LEU A 232 -0.15 5.03 -32.59
CA LEU A 232 0.35 6.35 -32.23
C LEU A 232 1.03 7.05 -33.40
N SER A 233 1.81 6.33 -34.21
CA SER A 233 2.67 6.98 -35.21
C SER A 233 1.85 7.45 -36.40
N PRO A 234 1.90 8.75 -36.75
CA PRO A 234 1.14 9.21 -37.92
C PRO A 234 1.48 8.50 -39.21
N GLY A 235 2.76 8.21 -39.45
CA GLY A 235 3.18 7.53 -40.66
C GLY A 235 2.68 6.10 -40.80
N SER A 236 1.98 5.60 -39.79
CA SER A 236 1.49 4.23 -39.79
C SER A 236 -0.02 4.12 -39.85
N ARG A 237 -0.74 5.19 -39.47
CA ARG A 237 -2.16 5.09 -39.14
C ARG A 237 -3.01 4.71 -40.33
N ASP A 238 -2.65 5.15 -41.52
CA ASP A 238 -3.47 4.85 -42.69
C ASP A 238 -3.18 3.49 -43.29
N LEU A 239 -2.34 2.66 -42.66
CA LEU A 239 -2.02 1.35 -43.21
C LEU A 239 -2.78 0.21 -42.55
N PHE A 240 -3.80 0.51 -41.76
CA PHE A 240 -4.61 -0.53 -41.14
C PHE A 240 -5.89 0.10 -40.61
N ARG A 241 -6.87 -0.76 -40.33
CA ARG A 241 -8.22 -0.36 -39.94
C ARG A 241 -8.42 -0.37 -38.42
N ARG A 242 -8.08 -1.48 -37.76
CA ARG A 242 -8.26 -1.61 -36.31
C ARG A 242 -7.18 -2.54 -35.77
N ALA A 243 -7.17 -2.75 -34.46
CA ALA A 243 -5.99 -3.32 -33.82
C ALA A 243 -6.34 -4.22 -32.64
N ILE A 244 -5.56 -5.29 -32.51
CA ILE A 244 -5.62 -6.19 -31.37
C ILE A 244 -4.25 -6.21 -30.69
N LEU A 245 -4.24 -6.05 -29.36
CA LEU A 245 -3.00 -6.03 -28.58
C LEU A 245 -3.09 -7.08 -27.50
N GLN A 246 -2.18 -8.06 -27.53
CA GLN A 246 -2.16 -9.15 -26.57
C GLN A 246 -0.91 -9.04 -25.70
N SER A 247 -1.09 -8.82 -24.39
CA SER A 247 -0.01 -8.86 -23.41
C SER A 247 1.12 -7.91 -23.77
N GLY A 248 0.76 -6.72 -24.22
CA GLY A 248 1.77 -5.70 -24.47
C GLY A 248 1.10 -4.44 -24.94
N SER A 249 1.67 -3.29 -24.63
CA SER A 249 1.09 -2.01 -25.02
C SER A 249 2.24 -1.04 -25.22
N PRO A 250 2.03 0.04 -25.98
CA PRO A 250 3.19 0.87 -26.39
C PRO A 250 3.89 1.59 -25.25
N ASN A 251 3.20 1.82 -24.13
CA ASN A 251 3.78 2.53 -23.00
C ASN A 251 4.45 1.61 -21.99
N CYS A 252 4.57 0.31 -22.27
CA CYS A 252 5.18 -0.59 -21.30
C CYS A 252 6.59 -0.11 -20.93
N PRO A 253 7.05 -0.38 -19.70
CA PRO A 253 8.33 0.20 -19.27
C PRO A 253 9.53 -0.39 -20.00
N TRP A 254 9.41 -1.59 -20.55
CA TRP A 254 10.46 -2.23 -21.34
C TRP A 254 10.38 -1.90 -22.82
N ALA A 255 9.36 -1.16 -23.27
CA ALA A 255 9.07 -1.11 -24.71
C ALA A 255 9.71 0.08 -25.43
N SER A 256 10.33 1.02 -24.72
CA SER A 256 10.98 2.12 -25.41
C SER A 256 12.03 2.72 -24.51
N VAL A 257 12.90 3.53 -25.11
CA VAL A 257 13.94 4.26 -24.40
C VAL A 257 14.01 5.65 -25.02
N SER A 258 14.57 6.60 -24.26
CA SER A 258 14.82 7.93 -24.77
C SER A 258 15.97 7.91 -25.78
N VAL A 259 16.15 9.01 -26.50
CA VAL A 259 17.23 9.06 -27.47
C VAL A 259 18.58 9.05 -26.75
N ALA A 260 18.65 9.63 -25.55
CA ALA A 260 19.90 9.62 -24.79
C ALA A 260 20.26 8.20 -24.36
N GLU A 261 19.28 7.41 -23.96
CA GLU A 261 19.58 6.06 -23.49
C GLU A 261 19.89 5.12 -24.64
N GLY A 262 19.16 5.22 -25.75
CA GLY A 262 19.51 4.43 -26.91
C GLY A 262 20.92 4.74 -27.37
N ARG A 263 21.29 6.03 -27.35
CA ARG A 263 22.64 6.41 -27.72
C ARG A 263 23.64 5.81 -26.74
N ARG A 264 23.36 5.91 -25.43
CA ARG A 264 24.25 5.31 -24.45
C ARG A 264 24.46 3.83 -24.74
N ARG A 265 23.36 3.11 -25.01
CA ARG A 265 23.49 1.68 -25.21
C ARG A 265 24.21 1.36 -26.51
N ALA A 266 24.03 2.18 -27.55
CA ALA A 266 24.74 1.97 -28.81
C ALA A 266 26.24 2.18 -28.63
N VAL A 267 26.63 3.22 -27.89
CA VAL A 267 28.04 3.42 -27.60
C VAL A 267 28.60 2.26 -26.77
N GLU A 268 27.82 1.79 -25.80
CA GLU A 268 28.31 0.70 -24.96
C GLU A 268 28.49 -0.59 -25.77
N LEU A 269 27.63 -0.83 -26.76
CA LEU A 269 27.83 -1.98 -27.64
C LEU A 269 29.15 -1.86 -28.39
N GLY A 270 29.47 -0.66 -28.88
CA GLY A 270 30.76 -0.45 -29.51
C GLY A 270 31.92 -0.70 -28.55
N ARG A 271 31.82 -0.16 -27.33
CA ARG A 271 32.89 -0.33 -26.35
C ARG A 271 33.12 -1.82 -26.06
N ASN A 272 32.04 -2.58 -25.90
CA ASN A 272 32.15 -4.03 -25.73
C ASN A 272 32.89 -4.70 -26.88
N LEU A 273 32.89 -4.11 -28.07
CA LEU A 273 33.51 -4.72 -29.24
C LEU A 273 34.72 -3.94 -29.73
N ASN A 274 35.33 -3.14 -28.86
CA ASN A 274 36.56 -2.41 -29.20
C ASN A 274 36.37 -1.54 -30.44
N CYS A 275 35.22 -0.87 -30.54
CA CYS A 275 34.93 -0.01 -31.68
C CYS A 275 35.47 1.40 -31.44
N ASN A 276 35.78 2.07 -32.54
CA ASN A 276 36.05 3.50 -32.51
C ASN A 276 34.78 4.23 -32.06
N LEU A 277 34.89 4.97 -30.96
CA LEU A 277 33.73 5.66 -30.41
C LEU A 277 33.72 7.15 -30.70
N ASN A 278 34.62 7.62 -31.59
CA ASN A 278 34.82 9.05 -31.78
C ASN A 278 33.63 9.74 -32.44
N SER A 279 32.93 9.05 -33.34
CA SER A 279 31.83 9.65 -34.08
C SER A 279 30.80 8.58 -34.42
N ASP A 280 29.59 9.05 -34.75
CA ASP A 280 28.55 8.14 -35.19
C ASP A 280 29.00 7.33 -36.40
N GLU A 281 29.59 8.00 -37.40
CA GLU A 281 29.99 7.29 -38.62
C GLU A 281 31.07 6.26 -38.32
N GLU A 282 32.02 6.59 -37.45
CA GLU A 282 33.08 5.64 -37.13
C GLU A 282 32.54 4.45 -36.35
N LEU A 283 31.67 4.71 -35.38
CA LEU A 283 31.04 3.64 -34.60
C LEU A 283 30.21 2.73 -35.51
N ILE A 284 29.31 3.32 -36.30
CA ILE A 284 28.48 2.54 -37.23
C ILE A 284 29.36 1.77 -38.21
N HIS A 285 30.37 2.43 -38.76
CA HIS A 285 31.25 1.71 -39.69
C HIS A 285 31.88 0.50 -39.01
N CYS A 286 32.35 0.68 -37.78
CA CYS A 286 32.92 -0.45 -37.03
C CYS A 286 31.89 -1.57 -36.85
N LEU A 287 30.69 -1.22 -36.35
CA LEU A 287 29.66 -2.22 -36.07
C LEU A 287 29.21 -2.96 -37.33
N ARG A 288 29.24 -2.30 -38.49
CA ARG A 288 28.85 -2.98 -39.72
C ARG A 288 29.88 -3.99 -40.19
N GLU A 289 31.10 -3.98 -39.64
CA GLU A 289 32.10 -4.99 -40.01
C GLU A 289 31.97 -6.26 -39.20
N LYS A 290 31.28 -6.21 -38.05
CA LYS A 290 31.17 -7.39 -37.20
C LYS A 290 30.21 -8.39 -37.80
N LYS A 291 30.51 -9.67 -37.60
CA LYS A 291 29.53 -10.70 -37.94
C LYS A 291 28.33 -10.58 -37.00
N PRO A 292 27.14 -11.00 -37.45
CA PRO A 292 25.93 -10.84 -36.62
C PRO A 292 26.05 -11.44 -35.23
N GLN A 293 26.64 -12.62 -35.12
CA GLN A 293 26.77 -13.25 -33.81
C GLN A 293 27.69 -12.48 -32.86
N GLU A 294 28.61 -11.66 -33.39
CA GLU A 294 29.47 -10.87 -32.49
C GLU A 294 28.66 -9.80 -31.76
N LEU A 295 27.70 -9.18 -32.44
CA LEU A 295 26.82 -8.23 -31.77
C LEU A 295 25.89 -8.92 -30.78
N ILE A 296 25.27 -10.02 -31.22
CA ILE A 296 24.34 -10.74 -30.36
C ILE A 296 25.05 -11.22 -29.10
N ASP A 297 26.31 -11.67 -29.26
CA ASP A 297 27.09 -12.20 -28.13
C ASP A 297 27.22 -11.20 -26.97
N VAL A 298 27.14 -9.89 -27.23
CA VAL A 298 27.31 -8.89 -26.18
C VAL A 298 26.07 -8.03 -25.98
N GLU A 299 24.97 -8.33 -26.70
CA GLU A 299 23.76 -7.53 -26.66
C GLU A 299 23.33 -7.21 -25.23
N TRP A 300 23.30 -8.23 -24.37
CA TRP A 300 22.75 -8.05 -23.04
C TRP A 300 23.63 -7.19 -22.15
N ASN A 301 24.91 -7.01 -22.51
CA ASN A 301 25.85 -6.31 -21.63
C ASN A 301 25.62 -4.80 -21.60
N VAL A 302 24.72 -4.26 -22.42
CA VAL A 302 24.55 -2.82 -22.47
C VAL A 302 23.40 -2.34 -21.58
N LEU A 303 22.64 -3.25 -20.97
CA LEU A 303 21.58 -2.86 -20.05
C LEU A 303 22.16 -2.07 -18.87
N PRO A 304 21.47 -1.03 -18.40
CA PRO A 304 22.02 -0.22 -17.30
C PRO A 304 21.90 -0.87 -15.93
N PHE A 305 21.15 -1.96 -15.78
CA PHE A 305 20.93 -2.59 -14.47
C PHE A 305 20.87 -4.10 -14.61
N ASP A 306 21.28 -4.79 -13.54
CA ASP A 306 20.78 -6.14 -13.32
C ASP A 306 19.26 -6.07 -13.29
N SER A 307 18.57 -6.84 -14.12
CA SER A 307 17.13 -6.62 -14.25
C SER A 307 16.50 -7.88 -14.80
N ILE A 308 15.17 -7.91 -14.77
CA ILE A 308 14.45 -8.86 -15.61
C ILE A 308 13.35 -8.10 -16.34
N PHE A 309 12.84 -8.68 -17.42
CA PHE A 309 11.85 -8.01 -18.28
C PHE A 309 12.38 -6.66 -18.77
N ARG A 310 13.68 -6.59 -19.03
CA ARG A 310 14.28 -5.43 -19.68
C ARG A 310 15.10 -5.90 -20.88
N PHE A 311 15.02 -5.18 -22.00
CA PHE A 311 15.71 -5.60 -23.22
C PHE A 311 16.55 -4.45 -23.75
N SER A 312 17.63 -4.82 -24.45
CA SER A 312 18.70 -3.88 -24.76
C SER A 312 18.31 -2.90 -25.87
N PHE A 313 17.79 -3.38 -26.99
CA PHE A 313 17.57 -2.53 -28.16
C PHE A 313 16.08 -2.54 -28.48
N VAL A 314 15.43 -1.40 -28.29
CA VAL A 314 13.98 -1.27 -28.32
C VAL A 314 13.67 0.07 -28.98
N PRO A 315 12.43 0.33 -29.38
CA PRO A 315 12.08 1.63 -29.99
C PRO A 315 12.54 2.84 -29.18
N VAL A 316 12.91 3.91 -29.87
CA VAL A 316 13.33 5.17 -29.25
C VAL A 316 12.22 6.18 -29.48
N ILE A 317 11.99 7.03 -28.48
CA ILE A 317 11.07 8.17 -28.60
C ILE A 317 11.84 9.29 -29.28
N ASP A 318 11.70 9.39 -30.59
CA ASP A 318 12.66 10.10 -31.42
C ASP A 318 12.19 11.44 -31.94
N GLY A 319 10.90 11.77 -31.81
CA GLY A 319 10.37 12.94 -32.47
C GLY A 319 10.02 12.75 -33.93
N GLU A 320 10.15 11.55 -34.49
CA GLU A 320 9.79 11.35 -35.89
C GLU A 320 8.79 10.20 -36.06
N PHE A 321 9.17 8.97 -35.73
CA PHE A 321 8.17 7.93 -35.60
C PHE A 321 7.17 8.29 -34.51
N PHE A 322 7.67 8.89 -33.42
CA PHE A 322 6.83 9.36 -32.32
C PHE A 322 6.96 10.87 -32.24
N PRO A 323 5.94 11.65 -32.64
CA PRO A 323 6.10 13.11 -32.65
C PRO A 323 6.47 13.67 -31.30
N THR A 324 5.85 13.19 -30.22
CA THR A 324 6.14 13.64 -28.87
C THR A 324 6.20 12.40 -27.97
N SER A 325 6.34 12.63 -26.66
CA SER A 325 6.31 11.54 -25.69
C SER A 325 5.02 10.75 -25.84
N LEU A 326 5.07 9.47 -25.43
CA LEU A 326 3.87 8.64 -25.52
C LEU A 326 2.76 9.15 -24.61
N GLU A 327 3.12 9.65 -23.42
CA GLU A 327 2.08 10.11 -22.49
C GLU A 327 1.34 11.32 -23.06
N SER A 328 2.08 12.30 -23.58
CA SER A 328 1.42 13.47 -24.14
C SER A 328 0.61 13.12 -25.38
N MET A 329 1.07 12.17 -26.19
CA MET A 329 0.26 11.72 -27.32
C MET A 329 -1.04 11.11 -26.83
N LEU A 330 -0.98 10.25 -25.81
CA LEU A 330 -2.19 9.63 -25.28
C LEU A 330 -3.08 10.68 -24.60
N ASN A 331 -2.48 11.68 -23.94
CA ASN A 331 -3.31 12.67 -23.24
C ASN A 331 -4.08 13.55 -24.21
N SER A 332 -3.45 13.99 -25.29
CA SER A 332 -4.06 14.87 -26.27
C SER A 332 -4.87 14.12 -27.33
N GLY A 333 -4.93 12.79 -27.29
CA GLY A 333 -5.65 12.09 -28.33
C GLY A 333 -4.94 12.08 -29.68
N ASN A 334 -3.63 12.31 -29.68
CA ASN A 334 -2.85 12.29 -30.93
C ASN A 334 -2.55 10.83 -31.28
N PHE A 335 -3.54 10.17 -31.85
CA PHE A 335 -3.38 8.78 -32.28
C PHE A 335 -4.57 8.43 -33.14
N LYS A 336 -4.48 7.27 -33.80
CA LYS A 336 -5.57 6.78 -34.63
C LYS A 336 -6.75 6.40 -33.77
N LYS A 337 -7.93 6.89 -34.15
CA LYS A 337 -9.19 6.62 -33.45
C LYS A 337 -9.94 5.53 -34.19
N THR A 338 -10.03 4.35 -33.60
CA THR A 338 -10.69 3.21 -34.24
C THR A 338 -11.16 2.30 -33.11
N GLN A 339 -11.40 1.04 -33.42
CA GLN A 339 -11.74 0.04 -32.41
C GLN A 339 -10.50 -0.77 -32.05
N ILE A 340 -10.35 -1.06 -30.76
CA ILE A 340 -9.27 -1.92 -30.30
C ILE A 340 -9.87 -3.05 -29.46
N LEU A 341 -9.21 -4.21 -29.55
CA LEU A 341 -9.49 -5.35 -28.68
C LEU A 341 -8.16 -5.78 -28.08
N LEU A 342 -8.12 -5.96 -26.76
CA LEU A 342 -6.84 -6.14 -26.09
C LEU A 342 -7.04 -6.77 -24.73
N GLY A 343 -5.97 -7.38 -24.22
CA GLY A 343 -6.07 -8.04 -22.93
C GLY A 343 -4.73 -8.61 -22.51
N VAL A 344 -4.78 -9.36 -21.40
CA VAL A 344 -3.59 -9.87 -20.72
C VAL A 344 -3.90 -11.28 -20.23
N ASN A 345 -2.84 -11.97 -19.79
CA ASN A 345 -2.92 -13.30 -19.19
C ASN A 345 -2.72 -13.18 -17.67
N LYS A 346 -3.20 -14.21 -16.96
CA LYS A 346 -3.23 -14.15 -15.50
C LYS A 346 -1.83 -14.03 -14.90
N ASP A 347 -0.84 -14.72 -15.48
CA ASP A 347 0.48 -14.82 -14.85
C ASP A 347 1.58 -14.40 -15.82
N GLU A 348 1.52 -13.13 -16.25
CA GLU A 348 2.51 -12.65 -17.20
C GLU A 348 3.94 -12.78 -16.67
N GLY A 349 4.12 -12.75 -15.35
CA GLY A 349 5.47 -12.60 -14.81
C GLY A 349 6.31 -13.87 -14.74
N SER A 350 5.70 -15.05 -14.76
CA SER A 350 6.37 -16.24 -14.25
C SER A 350 7.55 -16.66 -15.12
N PHE A 351 7.40 -16.51 -16.44
CA PHE A 351 8.47 -16.87 -17.37
C PHE A 351 9.75 -16.06 -17.08
N PHE A 352 9.60 -14.76 -16.87
CA PHE A 352 10.76 -13.91 -16.60
C PHE A 352 11.40 -14.25 -15.25
N LEU A 353 10.60 -14.65 -14.26
CA LEU A 353 11.18 -15.04 -12.99
C LEU A 353 11.96 -16.34 -13.13
N LEU A 354 11.38 -17.32 -13.83
CA LEU A 354 12.06 -18.58 -14.09
C LEU A 354 13.45 -18.36 -14.69
N TYR A 355 13.57 -17.43 -15.64
CA TYR A 355 14.82 -17.25 -16.37
C TYR A 355 15.81 -16.33 -15.67
N GLY A 356 15.37 -15.41 -14.83
CA GLY A 356 16.30 -14.41 -14.33
C GLY A 356 16.26 -14.07 -12.86
N ALA A 357 15.47 -14.75 -12.03
CA ALA A 357 15.40 -14.38 -10.62
C ALA A 357 15.77 -15.56 -9.72
N PRO A 358 16.44 -15.29 -8.59
CA PRO A 358 16.88 -16.40 -7.73
C PRO A 358 15.70 -17.10 -7.06
N GLY A 359 15.82 -18.42 -6.92
CA GLY A 359 14.82 -19.23 -6.24
C GLY A 359 13.85 -19.97 -7.14
N PHE A 360 13.81 -19.67 -8.43
CA PHE A 360 12.84 -20.27 -9.33
C PHE A 360 13.45 -21.41 -10.14
N SER A 361 12.61 -22.39 -10.48
CA SER A 361 13.07 -23.58 -11.18
C SER A 361 11.88 -24.21 -11.86
N LYS A 362 12.12 -24.78 -13.05
CA LYS A 362 11.02 -25.42 -13.77
C LYS A 362 10.73 -26.81 -13.24
N ASP A 363 11.57 -27.36 -12.37
CA ASP A 363 11.37 -28.69 -11.81
C ASP A 363 10.97 -28.68 -10.33
N SER A 364 10.51 -27.54 -9.83
CA SER A 364 10.08 -27.47 -8.44
C SER A 364 8.94 -26.48 -8.31
N GLU A 365 8.30 -26.50 -7.14
CA GLU A 365 7.27 -25.52 -6.84
C GLU A 365 7.82 -24.14 -6.62
N SER A 366 9.14 -23.99 -6.51
CA SER A 366 9.80 -22.69 -6.45
C SER A 366 9.21 -21.82 -5.33
N LYS A 367 9.17 -22.39 -4.12
CA LYS A 367 8.88 -21.59 -2.94
C LYS A 367 10.03 -20.63 -2.68
N ILE A 368 9.70 -19.38 -2.46
CA ILE A 368 10.66 -18.28 -2.50
C ILE A 368 10.88 -17.81 -1.07
N SER A 369 12.13 -17.91 -0.60
CA SER A 369 12.53 -17.32 0.67
C SER A 369 12.34 -15.81 0.63
N ARG A 370 12.32 -15.22 1.82
CA ARG A 370 12.18 -13.77 1.94
C ARG A 370 13.39 -13.05 1.34
N GLU A 371 14.58 -13.59 1.56
CA GLU A 371 15.78 -13.01 0.96
C GLU A 371 15.67 -12.97 -0.57
N ASP A 372 15.18 -14.07 -1.17
CA ASP A 372 15.05 -14.13 -2.62
C ASP A 372 13.88 -13.27 -3.11
N PHE A 373 12.82 -13.16 -2.31
CA PHE A 373 11.75 -12.23 -2.63
C PHE A 373 12.30 -10.82 -2.80
N MET A 374 13.05 -10.34 -1.81
CA MET A 374 13.59 -8.99 -1.91
C MET A 374 14.57 -8.85 -3.07
N SER A 375 15.37 -9.89 -3.35
CA SER A 375 16.24 -9.84 -4.52
C SER A 375 15.42 -9.69 -5.79
N GLY A 376 14.34 -10.48 -5.91
CA GLY A 376 13.52 -10.41 -7.12
C GLY A 376 12.87 -9.05 -7.31
N VAL A 377 12.47 -8.40 -6.21
CA VAL A 377 11.85 -7.08 -6.31
C VAL A 377 12.81 -6.09 -6.92
N LYS A 378 14.09 -6.16 -6.53
CA LYS A 378 15.08 -5.25 -7.07
C LYS A 378 15.30 -5.50 -8.56
N LEU A 379 15.33 -6.77 -8.97
CA LEU A 379 15.44 -7.10 -10.39
C LEU A 379 14.19 -6.68 -11.16
N SER A 380 13.02 -6.73 -10.54
CA SER A 380 11.78 -6.44 -11.25
C SER A 380 11.58 -4.95 -11.42
N VAL A 381 11.97 -4.14 -10.43
CA VAL A 381 11.81 -2.69 -10.54
C VAL A 381 13.21 -2.04 -10.51
N PRO A 382 14.03 -2.27 -11.54
CA PRO A 382 15.44 -1.86 -11.46
C PRO A 382 15.66 -0.37 -11.38
N HIS A 383 14.71 0.44 -11.85
CA HIS A 383 14.87 1.89 -11.83
C HIS A 383 14.46 2.53 -10.50
N ALA A 384 13.91 1.78 -9.56
CA ALA A 384 13.39 2.38 -8.34
C ALA A 384 14.51 2.70 -7.35
N ASN A 385 14.32 3.78 -6.58
CA ASN A 385 15.19 3.99 -5.44
C ASN A 385 14.76 3.07 -4.29
N ASP A 386 15.49 3.16 -3.17
CA ASP A 386 15.18 2.32 -2.01
C ASP A 386 13.78 2.59 -1.46
N LEU A 387 13.35 3.85 -1.47
CA LEU A 387 11.99 4.15 -1.02
C LEU A 387 10.96 3.54 -1.98
N GLY A 388 11.26 3.55 -3.28
CA GLY A 388 10.37 2.92 -4.24
C GLY A 388 10.26 1.41 -4.03
N LEU A 389 11.41 0.75 -3.84
CA LEU A 389 11.41 -0.68 -3.56
C LEU A 389 10.66 -1.00 -2.26
N ASP A 390 10.82 -0.17 -1.23
CA ASP A 390 10.04 -0.38 0.00
C ASP A 390 8.56 -0.33 -0.28
N ALA A 391 8.14 0.65 -1.10
CA ALA A 391 6.74 0.78 -1.49
C ALA A 391 6.24 -0.50 -2.15
N VAL A 392 6.95 -0.98 -3.18
CA VAL A 392 6.54 -2.21 -3.85
C VAL A 392 6.49 -3.37 -2.87
N THR A 393 7.51 -3.48 -2.02
CA THR A 393 7.56 -4.59 -1.08
C THR A 393 6.35 -4.58 -0.17
N LEU A 394 6.02 -3.41 0.39
CA LEU A 394 4.87 -3.32 1.29
C LEU A 394 3.58 -3.67 0.56
N GLN A 395 3.45 -3.21 -0.69
CA GLN A 395 2.22 -3.45 -1.42
C GLN A 395 1.97 -4.93 -1.67
N TYR A 396 3.01 -5.75 -1.69
CA TYR A 396 2.88 -7.14 -2.07
C TYR A 396 3.29 -8.14 -1.00
N THR A 397 3.51 -7.69 0.23
CA THR A 397 3.92 -8.57 1.33
C THR A 397 2.78 -8.68 2.34
N ASP A 398 2.42 -9.92 2.67
CA ASP A 398 1.45 -10.19 3.74
C ASP A 398 2.26 -10.29 5.03
N TRP A 399 2.22 -9.24 5.84
CA TRP A 399 3.08 -9.22 7.02
C TRP A 399 2.53 -10.03 8.19
N MET A 400 1.35 -10.62 8.06
CA MET A 400 0.96 -11.71 8.97
C MET A 400 1.65 -13.03 8.64
N ASP A 401 2.37 -13.11 7.51
CA ASP A 401 2.77 -14.40 6.96
C ASP A 401 3.89 -14.21 5.95
N ASP A 402 4.90 -13.42 6.29
CA ASP A 402 5.93 -12.98 5.36
C ASP A 402 6.94 -14.06 5.00
N ASN A 403 6.93 -15.20 5.69
CA ASN A 403 7.84 -16.31 5.41
C ASN A 403 7.16 -17.45 4.67
N ASN A 404 6.02 -17.17 4.06
CA ASN A 404 5.28 -18.16 3.27
C ASN A 404 5.87 -18.16 1.86
N GLY A 405 6.58 -19.23 1.52
CA GLY A 405 7.28 -19.29 0.22
C GLY A 405 6.35 -19.26 -0.97
N ILE A 406 5.13 -19.77 -0.82
CA ILE A 406 4.15 -19.73 -1.89
C ILE A 406 3.68 -18.30 -2.11
N LYS A 407 3.35 -17.59 -1.03
CA LYS A 407 2.91 -16.21 -1.14
C LYS A 407 4.01 -15.31 -1.66
N ASN A 408 5.24 -15.57 -1.23
CA ASN A 408 6.37 -14.82 -1.75
C ASN A 408 6.55 -15.04 -3.25
N ARG A 409 6.46 -16.30 -3.70
CA ARG A 409 6.54 -16.61 -5.13
C ARG A 409 5.43 -15.91 -5.89
N ASP A 410 4.18 -16.09 -5.45
CA ASP A 410 3.05 -15.51 -6.15
C ASP A 410 3.08 -13.99 -6.09
N GLY A 411 3.54 -13.42 -4.98
CA GLY A 411 3.70 -11.99 -4.91
C GLY A 411 4.68 -11.46 -5.94
N LEU A 412 5.84 -12.10 -6.05
CA LEU A 412 6.82 -11.73 -7.06
C LEU A 412 6.25 -11.87 -8.48
N ASP A 413 5.50 -12.96 -8.73
CA ASP A 413 4.87 -13.18 -10.03
C ASP A 413 3.90 -12.05 -10.36
N ASP A 414 3.11 -11.61 -9.37
CA ASP A 414 2.19 -10.50 -9.62
C ASP A 414 2.94 -9.21 -9.87
N ILE A 415 3.98 -8.93 -9.09
CA ILE A 415 4.76 -7.72 -9.29
C ILE A 415 5.23 -7.62 -10.73
N VAL A 416 5.88 -8.68 -11.22
CA VAL A 416 6.42 -8.65 -12.59
C VAL A 416 5.32 -8.43 -13.61
N GLY A 417 4.25 -9.24 -13.53
CA GLY A 417 3.15 -9.10 -14.46
C GLY A 417 2.44 -7.75 -14.39
N ASP A 418 2.18 -7.26 -13.17
CA ASP A 418 1.48 -5.98 -13.00
C ASP A 418 2.31 -4.83 -13.52
N HIS A 419 3.58 -4.76 -13.12
CA HIS A 419 4.46 -3.66 -13.51
C HIS A 419 4.69 -3.64 -15.02
N ASN A 420 4.91 -4.80 -15.62
CA ASN A 420 5.42 -4.80 -16.98
C ASN A 420 4.34 -4.94 -18.05
N VAL A 421 3.18 -5.49 -17.72
CA VAL A 421 2.18 -5.83 -18.73
C VAL A 421 0.80 -5.30 -18.35
N ILE A 422 0.28 -5.75 -17.22
CA ILE A 422 -1.14 -5.51 -16.91
C ILE A 422 -1.38 -4.04 -16.64
N CYS A 423 -0.64 -3.45 -15.71
CA CYS A 423 -0.96 -2.06 -15.42
C CYS A 423 -0.61 -1.11 -16.58
N PRO A 424 0.50 -1.30 -17.31
CA PRO A 424 0.72 -0.42 -18.49
C PRO A 424 -0.41 -0.52 -19.49
N LEU A 425 -0.91 -1.73 -19.74
CA LEU A 425 -2.02 -1.91 -20.66
C LEU A 425 -3.28 -1.23 -20.14
N MET A 426 -3.55 -1.31 -18.82
CA MET A 426 -4.74 -0.64 -18.29
C MET A 426 -4.61 0.87 -18.41
N HIS A 427 -3.40 1.41 -18.27
CA HIS A 427 -3.21 2.83 -18.52
C HIS A 427 -3.52 3.16 -19.97
N PHE A 428 -3.01 2.36 -20.90
CA PHE A 428 -3.28 2.59 -22.32
C PHE A 428 -4.78 2.52 -22.60
N VAL A 429 -5.44 1.49 -22.07
CA VAL A 429 -6.86 1.28 -22.32
C VAL A 429 -7.69 2.46 -21.79
N ASN A 430 -7.35 2.98 -20.60
CA ASN A 430 -8.13 4.09 -20.09
CA ASN A 430 -8.09 4.11 -20.05
C ASN A 430 -7.89 5.36 -20.90
N LYS A 431 -6.63 5.64 -21.26
CA LYS A 431 -6.36 6.80 -22.10
C LYS A 431 -7.00 6.67 -23.48
N TYR A 432 -6.90 5.50 -24.10
CA TYR A 432 -7.43 5.35 -25.47
C TYR A 432 -8.94 5.50 -25.52
N THR A 433 -9.64 4.88 -24.58
CA THR A 433 -11.10 4.86 -24.59
C THR A 433 -11.70 6.27 -24.46
N LYS A 434 -10.95 7.23 -23.94
CA LYS A 434 -11.42 8.61 -23.93
C LYS A 434 -11.69 9.14 -25.33
N PHE A 435 -10.92 8.70 -26.33
CA PHE A 435 -10.98 9.22 -27.69
C PHE A 435 -11.36 8.19 -28.73
N GLY A 436 -11.21 6.91 -28.43
CA GLY A 436 -11.33 5.88 -29.44
C GLY A 436 -12.78 5.62 -29.80
N ASN A 437 -12.97 4.55 -30.58
CA ASN A 437 -14.28 4.26 -31.16
C ASN A 437 -14.85 2.92 -30.73
N GLY A 438 -14.34 2.36 -29.63
CA GLY A 438 -14.78 1.04 -29.19
C GLY A 438 -13.62 0.25 -28.62
N THR A 439 -13.73 -0.17 -27.36
CA THR A 439 -12.67 -0.91 -26.67
C THR A 439 -13.25 -2.20 -26.12
N TYR A 440 -12.57 -3.32 -26.38
CA TYR A 440 -12.95 -4.61 -25.83
C TYR A 440 -11.75 -5.18 -25.09
N LEU A 441 -11.94 -5.51 -23.81
CA LEU A 441 -10.86 -5.89 -22.91
C LEU A 441 -11.08 -7.32 -22.43
N TYR A 442 -10.03 -8.13 -22.45
CA TYR A 442 -10.13 -9.52 -22.00
C TYR A 442 -9.07 -9.82 -20.95
N PHE A 443 -9.33 -10.86 -20.17
CA PHE A 443 -8.41 -11.39 -19.17
C PHE A 443 -8.34 -12.88 -19.41
N PHE A 444 -7.23 -13.35 -19.94
CA PHE A 444 -7.08 -14.76 -20.31
C PHE A 444 -6.52 -15.51 -19.12
N ASN A 445 -7.31 -16.43 -18.57
CA ASN A 445 -6.88 -17.12 -17.36
C ASN A 445 -7.14 -18.61 -17.45
N HIS A 446 -7.00 -19.19 -18.65
CA HIS A 446 -7.07 -20.63 -18.83
C HIS A 446 -5.66 -21.21 -18.90
N ARG A 447 -5.37 -22.14 -18.00
CA ARG A 447 -4.14 -22.92 -18.02
C ARG A 447 -4.36 -24.18 -18.86
N ALA A 448 -3.55 -24.35 -19.91
CA ALA A 448 -3.78 -25.43 -20.86
C ALA A 448 -3.54 -26.79 -20.22
N SER A 449 -4.37 -27.76 -20.60
CA SER A 449 -4.31 -29.07 -19.97
C SER A 449 -3.00 -29.81 -20.30
N ASN A 450 -2.41 -29.52 -21.45
CA ASN A 450 -1.21 -30.21 -21.92
C ASN A 450 0.07 -29.40 -21.70
N LEU A 451 0.03 -28.38 -20.83
CA LEU A 451 1.21 -27.53 -20.66
C LEU A 451 2.37 -28.35 -20.10
N VAL A 452 3.57 -28.08 -20.62
CA VAL A 452 4.78 -28.77 -20.18
C VAL A 452 5.50 -27.99 -19.10
N TRP A 453 5.09 -26.73 -18.83
CA TRP A 453 5.69 -25.93 -17.77
C TRP A 453 4.99 -26.22 -16.45
N PRO A 454 5.68 -26.02 -15.32
CA PRO A 454 5.13 -26.44 -14.03
C PRO A 454 3.96 -25.56 -13.59
N GLU A 455 3.22 -26.10 -12.61
CA GLU A 455 1.98 -25.49 -12.16
C GLU A 455 2.19 -24.08 -11.60
N TRP A 456 3.30 -23.84 -10.89
CA TRP A 456 3.46 -22.53 -10.26
C TRP A 456 3.45 -21.39 -11.27
N MET A 457 3.78 -21.68 -12.53
CA MET A 457 3.86 -20.61 -13.52
C MET A 457 2.49 -20.15 -14.00
N GLY A 458 1.44 -20.95 -13.76
CA GLY A 458 0.09 -20.50 -14.10
C GLY A 458 -0.13 -20.28 -15.60
N VAL A 459 -0.74 -19.14 -15.95
CA VAL A 459 -1.15 -18.80 -17.30
C VAL A 459 -0.07 -17.87 -17.87
N ILE A 460 0.82 -18.44 -18.65
CA ILE A 460 2.14 -17.89 -18.94
C ILE A 460 2.10 -16.87 -20.07
N HIS A 461 2.99 -15.88 -20.00
CA HIS A 461 3.28 -14.97 -21.09
C HIS A 461 3.53 -15.72 -22.40
N GLY A 462 2.61 -15.53 -23.36
CA GLY A 462 2.69 -16.12 -24.68
C GLY A 462 1.72 -17.25 -24.91
N TYR A 463 1.08 -17.79 -23.86
CA TYR A 463 0.41 -19.07 -24.00
C TYR A 463 -1.07 -18.93 -24.31
N GLU A 464 -1.54 -17.71 -24.52
CA GLU A 464 -2.82 -17.53 -25.18
C GLU A 464 -2.70 -17.61 -26.70
N ILE A 465 -1.49 -17.46 -27.24
CA ILE A 465 -1.30 -17.41 -28.70
C ILE A 465 -1.81 -18.70 -29.35
N GLU A 466 -1.44 -19.85 -28.81
CA GLU A 466 -1.84 -21.12 -29.42
C GLU A 466 -3.37 -21.22 -29.56
N PHE A 467 -4.11 -20.59 -28.63
CA PHE A 467 -5.56 -20.59 -28.71
C PHE A 467 -6.04 -19.61 -29.77
N VAL A 468 -5.36 -18.47 -29.93
CA VAL A 468 -5.70 -17.51 -30.97
C VAL A 468 -5.49 -18.12 -32.37
N PHE A 469 -4.49 -18.99 -32.52
CA PHE A 469 -4.16 -19.56 -33.83
C PHE A 469 -4.80 -20.93 -34.07
N GLY A 470 -5.73 -21.35 -33.21
CA GLY A 470 -6.48 -22.55 -33.50
C GLY A 470 -5.72 -23.86 -33.36
N LEU A 471 -4.58 -23.85 -32.68
CA LEU A 471 -3.89 -25.10 -32.40
C LEU A 471 -4.72 -26.11 -31.59
N PRO A 472 -5.65 -25.73 -30.70
CA PRO A 472 -6.48 -26.76 -30.06
C PRO A 472 -7.37 -27.54 -31.03
N LEU A 473 -7.56 -27.08 -32.26
CA LEU A 473 -8.35 -27.82 -33.24
C LEU A 473 -7.62 -29.03 -33.82
N VAL A 474 -6.31 -29.14 -33.62
CA VAL A 474 -5.53 -30.26 -34.10
C VAL A 474 -5.60 -31.37 -33.07
N LYS A 475 -6.24 -32.49 -33.43
CA LYS A 475 -6.43 -33.56 -32.45
C LYS A 475 -5.11 -34.10 -31.94
N GLU A 476 -4.10 -34.18 -32.81
CA GLU A 476 -2.81 -34.73 -32.41
C GLU A 476 -2.11 -33.88 -31.34
N LEU A 477 -2.56 -32.66 -31.09
CA LEU A 477 -1.89 -31.83 -30.10
C LEU A 477 -2.41 -32.04 -28.68
N ASN A 478 -3.49 -32.79 -28.51
CA ASN A 478 -3.94 -33.30 -27.20
C ASN A 478 -4.54 -32.21 -26.31
N TYR A 479 -5.30 -31.29 -26.91
CA TYR A 479 -6.15 -30.40 -26.14
C TYR A 479 -7.49 -31.08 -25.89
N THR A 480 -8.19 -30.62 -24.87
CA THR A 480 -9.50 -31.16 -24.57
C THR A 480 -10.55 -30.56 -25.48
N ALA A 481 -11.71 -31.23 -25.53
CA ALA A 481 -12.83 -30.72 -26.30
C ALA A 481 -13.17 -29.30 -25.90
N GLU A 482 -13.12 -29.00 -24.59
CA GLU A 482 -13.47 -27.66 -24.11
C GLU A 482 -12.45 -26.64 -24.58
N GLU A 483 -11.17 -27.03 -24.64
CA GLU A 483 -10.14 -26.14 -25.15
C GLU A 483 -10.29 -25.89 -26.64
N GLU A 484 -10.75 -26.88 -27.40
CA GLU A 484 -11.06 -26.63 -28.80
C GLU A 484 -12.20 -25.63 -28.94
N ALA A 485 -13.26 -25.80 -28.14
CA ALA A 485 -14.35 -24.83 -28.16
C ALA A 485 -13.86 -23.43 -27.79
N LEU A 486 -12.99 -23.34 -26.78
CA LEU A 486 -12.48 -22.04 -26.35
C LEU A 486 -11.69 -21.37 -27.48
N SER A 487 -10.81 -22.13 -28.12
CA SER A 487 -10.07 -21.61 -29.26
C SER A 487 -11.00 -21.14 -30.36
N ARG A 488 -12.04 -21.92 -30.67
CA ARG A 488 -12.98 -21.52 -31.70
C ARG A 488 -13.70 -20.24 -31.29
N ARG A 489 -14.06 -20.12 -30.01
CA ARG A 489 -14.67 -18.88 -29.53
CA ARG A 489 -14.67 -18.88 -29.53
C ARG A 489 -13.72 -17.70 -29.71
N ILE A 490 -12.45 -17.89 -29.35
CA ILE A 490 -11.49 -16.78 -29.42
C ILE A 490 -11.23 -16.42 -30.88
N MET A 491 -10.92 -17.40 -31.72
CA MET A 491 -10.76 -17.16 -33.15
C MET A 491 -11.95 -16.38 -33.71
N HIS A 492 -13.17 -16.75 -33.31
CA HIS A 492 -14.35 -16.06 -33.84
C HIS A 492 -14.46 -14.64 -33.32
N TYR A 493 -14.20 -14.41 -32.02
CA TYR A 493 -14.13 -13.05 -31.50
C TYR A 493 -13.10 -12.22 -32.27
N TRP A 494 -11.90 -12.78 -32.44
CA TRP A 494 -10.83 -12.03 -33.08
C TRP A 494 -11.19 -11.72 -34.53
N ALA A 495 -11.69 -12.72 -35.26
CA ALA A 495 -12.01 -12.52 -36.67
C ALA A 495 -13.25 -11.64 -36.83
N THR A 496 -14.26 -11.82 -35.96
CA THR A 496 -15.46 -10.99 -36.10
C THR A 496 -15.16 -9.54 -35.74
N PHE A 497 -14.35 -9.31 -34.70
CA PHE A 497 -13.90 -7.96 -34.43
C PHE A 497 -13.14 -7.39 -35.63
N ALA A 498 -12.25 -8.20 -36.24
CA ALA A 498 -11.51 -7.72 -37.40
C ALA A 498 -12.45 -7.31 -38.54
N LYS A 499 -13.52 -8.07 -38.78
CA LYS A 499 -14.46 -7.76 -39.86
C LYS A 499 -15.32 -6.53 -39.56
N THR A 500 -15.75 -6.37 -38.30
CA THR A 500 -16.83 -5.43 -37.96
C THR A 500 -16.48 -4.38 -36.91
N GLY A 501 -15.36 -4.53 -36.19
CA GLY A 501 -15.06 -3.63 -35.09
C GLY A 501 -15.73 -4.02 -33.79
N ASN A 502 -16.29 -5.22 -33.71
CA ASN A 502 -17.09 -5.69 -32.59
C ASN A 502 -16.95 -7.21 -32.56
N PRO A 503 -16.45 -7.79 -31.46
CA PRO A 503 -16.22 -9.25 -31.42
C PRO A 503 -17.50 -10.07 -31.40
N ASN A 504 -18.64 -9.43 -31.14
CA ASN A 504 -19.92 -10.11 -31.03
C ASN A 504 -20.65 -10.15 -32.35
N GLU A 505 -21.28 -11.28 -32.63
CA GLU A 505 -22.28 -11.33 -33.68
C GLU A 505 -23.62 -10.92 -33.10
N PRO A 506 -24.09 -9.68 -33.31
CA PRO A 506 -25.44 -9.34 -32.86
C PRO A 506 -26.45 -10.18 -33.63
N HIS A 507 -27.68 -10.21 -33.11
CA HIS A 507 -28.76 -11.07 -33.57
C HIS A 507 -28.52 -12.52 -33.18
N SER A 508 -27.32 -12.84 -32.70
CA SER A 508 -27.07 -14.16 -32.14
C SER A 508 -27.42 -14.15 -30.65
N GLN A 509 -27.47 -15.35 -30.06
CA GLN A 509 -27.87 -15.46 -28.67
C GLN A 509 -26.76 -16.02 -27.79
N GLU A 510 -25.51 -15.83 -28.19
CA GLU A 510 -24.42 -16.01 -27.24
C GLU A 510 -24.37 -14.82 -26.28
N SER A 511 -23.75 -15.05 -25.13
CA SER A 511 -23.51 -13.94 -24.20
C SER A 511 -22.60 -12.91 -24.85
N LYS A 512 -22.88 -11.64 -24.60
CA LYS A 512 -22.24 -10.54 -25.31
C LYS A 512 -21.05 -10.01 -24.52
N TRP A 513 -19.91 -9.94 -25.19
CA TRP A 513 -18.72 -9.24 -24.71
C TRP A 513 -19.02 -7.75 -24.71
N PRO A 514 -19.07 -7.08 -23.55
CA PRO A 514 -19.47 -5.67 -23.55
C PRO A 514 -18.30 -4.75 -23.84
N LEU A 515 -18.65 -3.61 -24.45
CA LEU A 515 -17.70 -2.52 -24.60
C LEU A 515 -17.13 -2.10 -23.25
N PHE A 516 -15.82 -1.99 -23.19
CA PHE A 516 -15.16 -1.29 -22.11
C PHE A 516 -15.47 0.19 -22.23
N THR A 517 -16.00 0.79 -21.16
CA THR A 517 -16.31 2.20 -21.13
C THR A 517 -15.54 2.88 -19.99
N THR A 518 -15.31 4.19 -20.17
CA THR A 518 -14.63 4.95 -19.13
C THR A 518 -15.33 4.82 -17.78
N LYS A 519 -16.67 4.73 -17.79
CA LYS A 519 -17.41 4.72 -16.53
C LYS A 519 -17.45 3.33 -15.90
N GLU A 520 -17.89 2.32 -16.65
CA GLU A 520 -18.12 1.01 -16.07
C GLU A 520 -16.91 0.09 -16.16
N GLN A 521 -16.04 0.28 -17.16
CA GLN A 521 -14.74 -0.39 -17.21
C GLN A 521 -14.88 -1.91 -17.20
N LYS A 522 -15.80 -2.41 -18.03
CA LYS A 522 -16.09 -3.84 -18.08
C LYS A 522 -15.06 -4.59 -18.93
N PHE A 523 -14.77 -5.83 -18.50
CA PHE A 523 -13.97 -6.77 -19.26
C PHE A 523 -14.57 -8.14 -19.01
N ILE A 524 -14.10 -9.13 -19.79
CA ILE A 524 -14.52 -10.51 -19.66
C ILE A 524 -13.31 -11.39 -19.38
N ASP A 525 -13.56 -12.52 -18.70
CA ASP A 525 -12.59 -13.60 -18.63
C ASP A 525 -12.64 -14.40 -19.92
N LEU A 526 -11.49 -14.93 -20.32
CA LEU A 526 -11.41 -15.89 -21.42
C LEU A 526 -10.94 -17.21 -20.85
N ASN A 527 -11.85 -18.18 -20.75
CA ASN A 527 -11.53 -19.50 -20.24
C ASN A 527 -12.63 -20.43 -20.72
N THR A 528 -12.60 -21.68 -20.24
CA THR A 528 -13.56 -22.68 -20.67
C THR A 528 -14.91 -22.56 -19.97
N GLU A 529 -15.04 -21.74 -18.93
CA GLU A 529 -16.31 -21.57 -18.25
C GLU A 529 -17.18 -20.54 -18.99
N PRO A 530 -18.50 -20.57 -18.76
CA PRO A 530 -19.36 -19.55 -19.36
C PRO A 530 -18.90 -18.15 -18.98
N MET A 531 -19.06 -17.23 -19.93
CA MET A 531 -18.47 -15.90 -19.83
C MET A 531 -19.01 -15.12 -18.65
N LYS A 532 -18.10 -14.49 -17.90
CA LYS A 532 -18.44 -13.60 -16.81
C LYS A 532 -17.92 -12.21 -17.14
N VAL A 533 -18.70 -11.19 -16.80
CA VAL A 533 -18.31 -9.80 -16.98
C VAL A 533 -17.82 -9.27 -15.65
N HIS A 534 -16.64 -8.66 -15.63
CA HIS A 534 -16.11 -8.00 -14.44
C HIS A 534 -15.81 -6.55 -14.78
N GLN A 535 -15.38 -5.80 -13.77
CA GLN A 535 -15.05 -4.39 -13.93
C GLN A 535 -13.74 -4.12 -13.23
N ARG A 536 -13.01 -3.11 -13.73
CA ARG A 536 -11.83 -2.56 -13.04
C ARG A 536 -10.77 -3.65 -12.83
N LEU A 537 -10.20 -4.09 -13.96
CA LEU A 537 -9.17 -5.12 -13.93
C LEU A 537 -7.96 -4.65 -13.12
N ARG A 538 -7.61 -5.43 -12.09
CA ARG A 538 -6.53 -5.19 -11.13
C ARG A 538 -6.39 -3.72 -10.75
N VAL A 539 -7.53 -3.08 -10.49
CA VAL A 539 -7.53 -1.63 -10.28
C VAL A 539 -6.70 -1.26 -9.06
N GLN A 540 -6.73 -2.08 -8.00
CA GLN A 540 -6.00 -1.72 -6.79
C GLN A 540 -4.50 -1.65 -7.06
N MET A 541 -3.94 -2.67 -7.71
CA MET A 541 -2.51 -2.64 -7.99
C MET A 541 -2.16 -1.61 -9.06
N CYS A 542 -3.07 -1.34 -9.99
CA CYS A 542 -2.69 -0.41 -11.04
C CYS A 542 -2.82 1.05 -10.62
N VAL A 543 -3.66 1.37 -9.65
CA VAL A 543 -3.50 2.66 -8.99
C VAL A 543 -2.08 2.80 -8.45
N PHE A 544 -1.57 1.74 -7.83
CA PHE A 544 -0.21 1.79 -7.29
C PHE A 544 0.80 2.06 -8.40
N TRP A 545 0.82 1.19 -9.42
CA TRP A 545 1.84 1.24 -10.49
C TRP A 545 1.63 2.45 -11.40
N ASN A 546 0.38 2.82 -11.68
CA ASN A 546 0.17 3.90 -12.64
C ASN A 546 0.14 5.28 -12.00
N GLN A 547 -0.22 5.41 -10.73
CA GLN A 547 -0.33 6.75 -10.13
C GLN A 547 0.62 6.96 -8.95
N PHE A 548 0.57 6.12 -7.92
CA PHE A 548 1.34 6.43 -6.72
C PHE A 548 2.84 6.21 -6.93
N LEU A 549 3.24 5.05 -7.41
CA LEU A 549 4.69 4.80 -7.53
C LEU A 549 5.37 5.80 -8.46
N PRO A 550 4.85 6.12 -9.64
CA PRO A 550 5.53 7.13 -10.47
C PRO A 550 5.60 8.50 -9.82
N LYS A 551 4.58 8.87 -9.03
CA LYS A 551 4.67 10.11 -8.27
C LYS A 551 5.77 10.03 -7.21
N LEU A 552 5.86 8.89 -6.52
CA LEU A 552 6.93 8.72 -5.54
C LEU A 552 8.30 8.84 -6.20
N LEU A 553 8.51 8.11 -7.31
CA LEU A 553 9.80 8.17 -7.99
C LEU A 553 10.11 9.57 -8.50
N ASN A 554 9.10 10.29 -8.99
CA ASN A 554 9.34 11.63 -9.49
C ASN A 554 9.65 12.62 -8.37
N ALA A 555 9.14 12.39 -7.16
CA ALA A 555 9.52 13.24 -6.03
C ALA A 555 10.83 12.79 -5.40
N THR A 556 11.23 11.54 -5.62
CA THR A 556 12.42 10.97 -5.02
C THR A 556 13.35 10.35 -6.08
N SER B 25 -10.60 6.49 63.75
CA SER B 25 -9.52 5.53 63.98
C SER B 25 -9.08 4.89 62.66
N GLU B 26 -9.97 4.07 62.08
CA GLU B 26 -9.72 3.57 60.74
C GLU B 26 -9.72 4.71 59.71
N LEU B 27 -10.52 5.73 59.95
CA LEU B 27 -10.64 6.87 59.04
C LEU B 27 -9.69 8.00 59.39
N LEU B 28 -8.92 7.88 60.48
CA LEU B 28 -7.98 8.92 60.87
C LEU B 28 -6.58 8.39 60.65
N VAL B 29 -5.82 9.08 59.81
CA VAL B 29 -4.52 8.63 59.35
C VAL B 29 -3.58 9.82 59.49
N ASN B 30 -2.42 9.60 60.10
CA ASN B 30 -1.42 10.65 60.21
CA ASN B 30 -1.41 10.64 60.23
C ASN B 30 -0.39 10.46 59.12
N THR B 31 -0.24 11.46 58.27
CA THR B 31 0.69 11.40 57.16
C THR B 31 1.87 12.29 57.48
N LYS B 32 2.94 12.14 56.68
CA LYS B 32 4.12 12.98 56.89
C LYS B 32 3.81 14.46 56.69
N SER B 33 2.72 14.79 55.99
CA SER B 33 2.34 16.18 55.82
C SER B 33 1.28 16.63 56.84
N GLY B 34 0.80 15.74 57.70
CA GLY B 34 -0.28 16.09 58.61
C GLY B 34 -1.39 15.07 58.68
N LYS B 35 -2.37 15.28 59.55
CA LYS B 35 -3.44 14.33 59.74
C LYS B 35 -4.55 14.53 58.71
N VAL B 36 -5.19 13.40 58.35
CA VAL B 36 -6.31 13.38 57.41
CA VAL B 36 -6.34 13.42 57.45
C VAL B 36 -7.44 12.57 58.03
N MET B 37 -8.67 12.99 57.82
CA MET B 37 -9.84 12.22 58.23
C MET B 37 -10.64 11.85 56.99
N GLY B 38 -10.77 10.56 56.74
CA GLY B 38 -11.50 10.04 55.60
C GLY B 38 -12.96 9.83 55.92
N THR B 39 -13.60 8.98 55.12
CA THR B 39 -15.05 8.81 55.17
C THR B 39 -15.38 7.37 54.78
N ARG B 40 -16.40 6.82 55.42
CA ARG B 40 -16.85 5.45 55.17
C ARG B 40 -17.89 5.48 54.06
N VAL B 41 -17.60 4.81 52.95
CA VAL B 41 -18.49 4.87 51.79
C VAL B 41 -19.08 3.50 51.49
N PRO B 42 -20.35 3.44 51.10
CA PRO B 42 -20.95 2.15 50.71
C PRO B 42 -20.47 1.71 49.34
N VAL B 43 -20.29 0.40 49.19
CA VAL B 43 -19.88 -0.21 47.93
C VAL B 43 -20.45 -1.61 47.87
N LEU B 44 -21.35 -1.84 46.92
CA LEU B 44 -21.93 -3.16 46.63
C LEU B 44 -22.27 -3.94 47.90
N SER B 45 -23.11 -3.33 48.73
CA SER B 45 -23.62 -3.92 49.96
C SER B 45 -22.55 -4.14 51.02
N SER B 46 -21.39 -3.50 50.88
CA SER B 46 -20.39 -3.48 51.93
C SER B 46 -19.94 -2.02 52.09
N HIS B 47 -18.78 -1.82 52.69
CA HIS B 47 -18.25 -0.48 52.87
C HIS B 47 -16.73 -0.54 52.72
N ILE B 48 -16.15 0.61 52.40
CA ILE B 48 -14.70 0.80 52.43
C ILE B 48 -14.44 2.24 52.85
N SER B 49 -13.16 2.56 53.03
CA SER B 49 -12.75 3.88 53.45
C SER B 49 -12.27 4.66 52.24
N ALA B 50 -12.64 5.93 52.18
CA ALA B 50 -12.14 6.83 51.17
C ALA B 50 -11.52 8.05 51.83
N PHE B 51 -10.41 8.48 51.27
CA PHE B 51 -9.73 9.71 51.67
C PHE B 51 -9.70 10.57 50.41
N LEU B 52 -10.57 11.57 50.35
CA LEU B 52 -10.82 12.32 49.12
C LEU B 52 -10.18 13.69 49.20
N GLY B 53 -9.50 14.09 48.14
CA GLY B 53 -8.93 15.42 48.05
C GLY B 53 -7.78 15.72 49.00
N ILE B 54 -6.86 14.77 49.16
CA ILE B 54 -5.65 15.03 49.94
C ILE B 54 -4.70 15.89 49.11
N PRO B 55 -4.23 17.02 49.63
CA PRO B 55 -3.31 17.85 48.85
C PRO B 55 -1.91 17.24 48.84
N PHE B 56 -1.27 17.23 47.68
CA PHE B 56 0.10 16.74 47.60
C PHE B 56 1.08 17.80 47.14
N ALA B 57 0.62 18.98 46.75
CA ALA B 57 1.52 20.05 46.32
C ALA B 57 0.99 21.37 46.85
N GLU B 58 1.86 22.38 46.86
CA GLU B 58 1.40 23.74 47.07
C GLU B 58 0.55 24.19 45.88
N PRO B 59 -0.48 25.00 46.13
CA PRO B 59 -1.33 25.47 45.01
C PRO B 59 -0.52 26.20 43.96
N PRO B 60 -0.58 25.78 42.69
CA PRO B 60 0.24 26.43 41.65
C PRO B 60 -0.42 27.69 41.09
N VAL B 61 -0.64 28.66 42.00
CA VAL B 61 -1.41 29.85 41.69
C VAL B 61 -0.51 31.08 41.65
N GLY B 62 -0.99 32.12 40.98
CA GLY B 62 -0.30 33.41 40.95
C GLY B 62 1.07 33.30 40.31
N ASN B 63 2.10 33.63 41.11
CA ASN B 63 3.49 33.58 40.64
C ASN B 63 3.97 32.15 40.44
N MET B 64 3.19 31.16 40.82
CA MET B 64 3.55 29.76 40.62
C MET B 64 2.90 29.16 39.38
N ARG B 65 2.06 29.91 38.67
CA ARG B 65 1.52 29.41 37.41
C ARG B 65 2.66 29.14 36.43
N PHE B 66 2.60 27.96 35.80
CA PHE B 66 3.57 27.41 34.84
C PHE B 66 4.83 26.88 35.52
N ARG B 67 4.96 27.03 36.83
CA ARG B 67 6.17 26.62 37.53
C ARG B 67 6.10 25.15 37.92
N ARG B 68 7.28 24.54 38.07
CA ARG B 68 7.35 23.22 38.68
C ARG B 68 6.56 23.22 39.98
N PRO B 69 5.91 22.11 40.33
CA PRO B 69 5.21 22.06 41.61
C PRO B 69 6.19 22.04 42.77
N GLU B 70 5.72 22.55 43.92
CA GLU B 70 6.41 22.49 45.20
C GLU B 70 5.67 21.58 46.15
N PRO B 71 6.37 20.82 47.00
CA PRO B 71 5.67 19.94 47.94
C PRO B 71 4.75 20.75 48.83
N LYS B 72 3.64 20.14 49.20
CA LYS B 72 2.68 20.80 50.09
C LYS B 72 3.30 20.99 51.46
N LYS B 73 3.23 22.21 51.99
CA LYS B 73 3.72 22.45 53.35
C LYS B 73 2.85 21.70 54.35
N PRO B 74 3.43 21.11 55.38
CA PRO B 74 2.62 20.39 56.37
C PRO B 74 1.62 21.31 57.04
N TRP B 75 0.45 20.75 57.35
CA TRP B 75 -0.62 21.48 58.01
C TRP B 75 -0.80 20.96 59.43
N SER B 76 -1.34 21.81 60.28
CA SER B 76 -1.73 21.40 61.62
C SER B 76 -3.21 21.06 61.61
N GLY B 77 -3.65 20.34 62.64
CA GLY B 77 -5.01 19.89 62.67
C GLY B 77 -5.26 18.72 61.72
N VAL B 78 -6.52 18.58 61.34
CA VAL B 78 -7.02 17.40 60.62
C VAL B 78 -7.58 17.86 59.29
N TRP B 79 -6.98 17.41 58.19
CA TRP B 79 -7.51 17.69 56.86
C TRP B 79 -8.80 16.90 56.68
N ASN B 80 -9.88 17.59 56.34
CA ASN B 80 -11.15 16.92 56.07
C ASN B 80 -11.10 16.34 54.66
N ALA B 81 -10.93 15.03 54.57
CA ALA B 81 -10.79 14.37 53.28
C ALA B 81 -12.03 13.54 52.97
N SER B 82 -13.19 14.14 53.14
CA SER B 82 -14.44 13.43 52.92
C SER B 82 -15.13 13.84 51.63
N THR B 83 -14.64 14.87 50.92
CA THR B 83 -15.24 15.26 49.66
C THR B 83 -14.17 15.42 48.58
N TYR B 84 -14.60 15.23 47.33
CA TYR B 84 -13.73 15.39 46.17
C TYR B 84 -13.19 16.81 46.12
N PRO B 85 -11.96 16.99 45.65
CA PRO B 85 -11.39 18.32 45.45
C PRO B 85 -11.96 18.98 44.20
N ASN B 86 -11.51 20.22 43.96
CA ASN B 86 -11.74 20.91 42.71
C ASN B 86 -11.04 20.19 41.56
N ASN B 87 -11.54 20.43 40.36
CA ASN B 87 -10.84 19.95 39.16
C ASN B 87 -9.95 21.08 38.62
N CYS B 88 -8.93 20.70 37.86
CA CYS B 88 -8.03 21.70 37.31
C CYS B 88 -8.74 22.50 36.22
N GLN B 89 -8.20 23.69 35.92
CA GLN B 89 -8.79 24.55 34.91
C GLN B 89 -8.61 23.94 33.53
N GLN B 90 -9.70 23.81 32.78
CA GLN B 90 -9.59 23.13 31.50
C GLN B 90 -10.73 23.55 30.58
N TYR B 91 -10.48 23.37 29.29
CA TYR B 91 -11.53 23.44 28.29
C TYR B 91 -12.69 22.50 28.66
N VAL B 92 -13.91 23.00 28.57
CA VAL B 92 -15.09 22.19 28.85
C VAL B 92 -15.87 21.99 27.55
N ASP B 93 -16.25 20.74 27.27
CA ASP B 93 -16.95 20.39 26.03
C ASP B 93 -18.42 20.79 26.11
N GLU B 94 -18.89 21.59 25.15
CA GLU B 94 -20.31 21.92 25.08
C GLU B 94 -20.93 21.52 23.74
N GLN B 95 -20.31 20.58 23.04
CA GLN B 95 -20.84 20.16 21.75
C GLN B 95 -22.24 19.56 21.88
N PHE B 96 -22.44 18.71 22.89
CA PHE B 96 -23.73 18.06 23.14
C PHE B 96 -24.19 18.40 24.56
N PRO B 97 -24.71 19.61 24.76
CA PRO B 97 -25.11 20.03 26.11
C PRO B 97 -26.09 19.06 26.74
N GLY B 98 -25.77 18.61 27.96
CA GLY B 98 -26.64 17.73 28.71
C GLY B 98 -26.61 16.27 28.29
N PHE B 99 -25.87 15.93 27.23
CA PHE B 99 -25.83 14.55 26.78
C PHE B 99 -24.92 13.73 27.69
N SER B 100 -25.41 12.58 28.17
CA SER B 100 -24.63 11.82 29.16
C SER B 100 -23.31 11.33 28.60
N GLY B 101 -23.28 10.96 27.31
CA GLY B 101 -22.08 10.34 26.75
C GLY B 101 -20.90 11.30 26.66
N SER B 102 -21.16 12.59 26.55
CA SER B 102 -20.07 13.58 26.62
C SER B 102 -19.90 14.16 28.01
N GLU B 103 -20.99 14.43 28.74
CA GLU B 103 -20.86 15.11 30.03
CA GLU B 103 -20.90 15.09 30.05
C GLU B 103 -20.13 14.26 31.07
N MET B 104 -20.14 12.93 30.93
CA MET B 104 -19.42 12.06 31.86
C MET B 104 -17.91 12.33 31.86
N TRP B 105 -17.38 13.04 30.87
CA TRP B 105 -15.96 13.36 30.80
C TRP B 105 -15.62 14.77 31.29
N ASN B 106 -16.62 15.66 31.41
CA ASN B 106 -16.45 17.05 31.83
C ASN B 106 -16.22 17.14 33.34
N PRO B 107 -15.56 18.20 33.80
CA PRO B 107 -15.42 18.39 35.26
C PRO B 107 -16.76 18.33 35.93
N ASN B 108 -16.87 17.52 36.99
CA ASN B 108 -18.08 17.47 37.81
C ASN B 108 -17.92 18.23 39.11
N ARG B 109 -16.79 18.92 39.28
CA ARG B 109 -16.55 19.76 40.44
CA ARG B 109 -16.51 19.76 40.44
C ARG B 109 -16.12 21.14 39.95
N GLU B 110 -16.03 22.10 40.86
CA GLU B 110 -15.63 23.44 40.47
C GLU B 110 -14.19 23.41 39.95
N MET B 111 -13.94 24.17 38.89
CA MET B 111 -12.60 24.26 38.34
C MET B 111 -11.79 25.28 39.13
N SER B 112 -10.56 24.93 39.45
CA SER B 112 -9.67 25.88 40.11
C SER B 112 -8.23 25.55 39.74
N GLU B 113 -7.38 26.57 39.72
CA GLU B 113 -5.95 26.31 39.62
C GLU B 113 -5.41 25.63 40.88
N ASP B 114 -6.10 25.80 42.00
CA ASP B 114 -5.85 25.08 43.25
C ASP B 114 -6.43 23.69 43.08
N CYS B 115 -5.68 22.81 42.38
CA CYS B 115 -6.29 21.53 42.03
C CYS B 115 -5.39 20.31 42.26
N LEU B 116 -4.23 20.45 42.90
CA LEU B 116 -3.29 19.34 43.00
C LEU B 116 -3.63 18.51 44.25
N TYR B 117 -4.52 17.54 44.06
CA TYR B 117 -5.02 16.68 45.13
C TYR B 117 -5.08 15.25 44.62
N LEU B 118 -5.09 14.30 45.56
CA LEU B 118 -5.25 12.90 45.21
C LEU B 118 -6.30 12.27 46.11
N ASN B 119 -6.81 11.14 45.64
CA ASN B 119 -7.87 10.39 46.32
C ASN B 119 -7.39 8.98 46.57
N ILE B 120 -7.79 8.41 47.71
CA ILE B 120 -7.38 7.06 48.08
C ILE B 120 -8.60 6.28 48.54
N TRP B 121 -8.74 5.05 48.04
CA TRP B 121 -9.77 4.12 48.50
C TRP B 121 -9.06 2.94 49.13
N VAL B 122 -9.40 2.65 50.39
CA VAL B 122 -8.72 1.65 51.19
C VAL B 122 -9.73 0.57 51.60
N PRO B 123 -9.44 -0.71 51.37
CA PRO B 123 -10.35 -1.76 51.86
C PRO B 123 -10.55 -1.67 53.37
N SER B 124 -11.73 -2.10 53.82
CA SER B 124 -12.08 -2.11 55.23
C SER B 124 -12.36 -3.54 55.67
N PRO B 125 -11.60 -4.09 56.64
CA PRO B 125 -10.62 -3.35 57.43
C PRO B 125 -9.31 -3.07 56.70
N ARG B 126 -8.53 -2.11 57.22
CA ARG B 126 -7.33 -1.65 56.54
C ARG B 126 -6.35 -2.81 56.35
N PRO B 127 -5.82 -3.01 55.14
CA PRO B 127 -4.82 -4.05 54.93
C PRO B 127 -3.50 -3.68 55.61
N LYS B 128 -2.67 -4.69 55.84
CA LYS B 128 -1.37 -4.43 56.46
C LYS B 128 -0.44 -3.73 55.48
N SER B 129 -0.23 -4.34 54.32
CA SER B 129 0.71 -3.81 53.33
C SER B 129 0.39 -4.43 51.97
N THR B 130 -0.62 -3.88 51.28
CA THR B 130 -1.18 -4.49 50.09
C THR B 130 -0.78 -3.72 48.82
N THR B 131 -1.05 -4.33 47.66
CA THR B 131 -0.64 -3.73 46.40
C THR B 131 -1.42 -2.42 46.15
N VAL B 132 -0.71 -1.45 45.59
CA VAL B 132 -1.22 -0.11 45.31
C VAL B 132 -1.36 0.07 43.80
N MET B 133 -2.47 0.67 43.37
CA MET B 133 -2.65 1.06 41.97
C MET B 133 -2.93 2.56 41.94
N VAL B 134 -2.22 3.27 41.07
CA VAL B 134 -2.33 4.73 40.99
C VAL B 134 -2.82 5.08 39.60
N TRP B 135 -4.00 5.70 39.54
CA TRP B 135 -4.67 6.03 38.29
C TRP B 135 -4.27 7.43 37.83
N ILE B 136 -3.94 7.56 36.55
CA ILE B 136 -3.59 8.83 35.93
C ILE B 136 -4.58 9.07 34.78
N TYR B 137 -5.52 9.99 34.99
CA TYR B 137 -6.54 10.25 33.97
C TYR B 137 -5.91 10.73 32.67
N GLY B 138 -6.59 10.42 31.56
CA GLY B 138 -6.26 10.96 30.26
C GLY B 138 -7.11 12.18 29.92
N GLY B 139 -7.06 12.54 28.65
CA GLY B 139 -7.76 13.71 28.20
C GLY B 139 -6.89 14.63 27.34
N GLY B 140 -5.96 14.05 26.58
CA GLY B 140 -5.19 14.80 25.61
C GLY B 140 -4.23 15.81 26.19
N PHE B 141 -3.94 15.72 27.49
CA PHE B 141 -3.16 16.69 28.27
C PHE B 141 -3.83 18.06 28.35
N TYR B 142 -5.05 18.22 27.82
CA TYR B 142 -5.78 19.49 27.92
C TYR B 142 -7.02 19.40 28.80
N SER B 143 -7.36 18.22 29.34
CA SER B 143 -8.58 18.03 30.09
C SER B 143 -8.41 16.80 30.97
N GLY B 144 -9.38 16.58 31.84
CA GLY B 144 -9.39 15.41 32.71
C GLY B 144 -9.61 15.77 34.16
N SER B 145 -10.21 14.84 34.91
CA SER B 145 -10.43 15.04 36.34
C SER B 145 -10.29 13.71 37.07
N SER B 146 -9.80 13.79 38.32
CA SER B 146 -9.74 12.60 39.15
C SER B 146 -11.12 12.17 39.66
N THR B 147 -12.13 13.02 39.52
CA THR B 147 -13.38 12.88 40.25
C THR B 147 -14.52 12.36 39.41
N LEU B 148 -14.28 12.01 38.15
CA LEU B 148 -15.35 11.53 37.30
C LEU B 148 -15.98 10.29 37.90
N ASP B 149 -17.30 10.17 37.72
CA ASP B 149 -18.03 8.96 38.10
C ASP B 149 -17.36 7.71 37.58
N VAL B 150 -16.88 7.74 36.33
CA VAL B 150 -16.26 6.56 35.72
C VAL B 150 -14.91 6.23 36.34
N TYR B 151 -14.28 7.15 37.08
CA TYR B 151 -13.04 6.83 37.77
C TYR B 151 -13.26 6.51 39.25
N ASN B 152 -14.50 6.30 39.68
CA ASN B 152 -14.75 6.01 41.09
C ASN B 152 -14.02 4.74 41.51
N GLY B 153 -13.11 4.89 42.47
CA GLY B 153 -12.26 3.79 42.84
C GLY B 153 -12.84 2.73 43.74
N LYS B 154 -14.07 2.88 44.20
CA LYS B 154 -14.48 2.02 45.30
C LYS B 154 -14.71 0.58 44.84
N TYR B 155 -15.17 0.38 43.60
CA TYR B 155 -15.46 -0.98 43.16
C TYR B 155 -14.19 -1.80 43.00
N LEU B 156 -13.16 -1.21 42.39
CA LEU B 156 -11.91 -1.93 42.20
C LEU B 156 -11.20 -2.16 43.52
N ALA B 157 -11.19 -1.15 44.40
CA ALA B 157 -10.56 -1.30 45.71
C ALA B 157 -11.25 -2.39 46.51
N TYR B 158 -12.58 -2.36 46.56
CA TYR B 158 -13.31 -3.37 47.32
C TYR B 158 -13.18 -4.76 46.71
N THR B 159 -13.42 -4.88 45.39
CA THR B 159 -13.48 -6.20 44.77
C THR B 159 -12.12 -6.88 44.77
N GLU B 160 -11.06 -6.14 44.51
CA GLU B 160 -9.75 -6.76 44.40
C GLU B 160 -8.87 -6.49 45.63
N GLU B 161 -9.38 -5.77 46.63
CA GLU B 161 -8.64 -5.55 47.87
C GLU B 161 -7.29 -4.91 47.58
N VAL B 162 -7.32 -3.87 46.76
CA VAL B 162 -6.13 -3.06 46.50
C VAL B 162 -6.41 -1.69 47.11
N VAL B 163 -5.33 -0.97 47.40
CA VAL B 163 -5.40 0.44 47.75
C VAL B 163 -5.30 1.23 46.45
N LEU B 164 -6.40 1.88 46.07
CA LEU B 164 -6.52 2.57 44.79
C LEU B 164 -6.39 4.08 44.99
N VAL B 165 -5.40 4.67 44.32
CA VAL B 165 -5.14 6.11 44.36
C VAL B 165 -5.47 6.69 43.00
N SER B 166 -6.09 7.87 42.98
CA SER B 166 -6.16 8.65 41.76
C SER B 166 -5.50 9.99 42.02
N LEU B 167 -4.55 10.37 41.16
CA LEU B 167 -3.85 11.64 41.31
C LEU B 167 -4.49 12.68 40.38
N SER B 168 -3.97 13.89 40.42
CA SER B 168 -4.36 14.91 39.48
C SER B 168 -3.09 15.61 38.99
N TYR B 169 -3.23 16.36 37.90
CA TYR B 169 -2.11 17.11 37.37
C TYR B 169 -2.67 18.24 36.52
N ARG B 170 -1.91 19.33 36.42
CA ARG B 170 -2.33 20.47 35.63
C ARG B 170 -2.36 20.08 34.15
N VAL B 171 -3.41 20.51 33.47
CA VAL B 171 -3.57 20.23 32.06
C VAL B 171 -3.54 21.55 31.29
N GLY B 172 -3.43 21.44 29.96
CA GLY B 172 -3.41 22.61 29.10
C GLY B 172 -2.15 23.43 29.29
N ALA B 173 -2.26 24.72 29.00
CA ALA B 173 -1.13 25.63 29.19
C ALA B 173 -0.67 25.66 30.64
N PHE B 174 -1.57 25.38 31.60
CA PHE B 174 -1.16 25.44 33.00
C PHE B 174 -0.18 24.33 33.34
N GLY B 175 -0.22 23.22 32.62
CA GLY B 175 0.66 22.12 32.93
C GLY B 175 1.78 21.94 31.93
N PHE B 176 1.63 22.51 30.72
CA PHE B 176 2.55 22.18 29.65
C PHE B 176 2.96 23.34 28.76
N LEU B 177 2.67 24.59 29.15
CA LEU B 177 3.34 25.71 28.50
C LEU B 177 4.85 25.51 28.63
N ALA B 178 5.57 25.58 27.51
CA ALA B 178 6.99 25.23 27.52
C ALA B 178 7.80 26.34 26.84
N LEU B 179 8.62 27.03 27.62
CA LEU B 179 9.54 28.04 27.13
C LEU B 179 10.93 27.58 27.56
N HIS B 180 11.50 26.64 26.79
CA HIS B 180 12.75 26.00 27.22
C HIS B 180 13.85 27.02 27.39
N GLY B 181 14.61 26.87 28.46
CA GLY B 181 15.56 27.89 28.87
C GLY B 181 15.06 28.63 30.10
N SER B 182 13.75 28.87 30.17
CA SER B 182 13.15 29.53 31.32
C SER B 182 13.00 28.55 32.48
N GLN B 183 13.39 28.99 33.67
CA GLN B 183 13.05 28.26 34.89
C GLN B 183 11.67 28.62 35.41
N GLU B 184 11.03 29.62 34.80
CA GLU B 184 9.70 30.04 35.19
C GLU B 184 8.60 29.25 34.48
N ALA B 185 8.85 28.81 33.25
CA ALA B 185 7.88 28.04 32.47
C ALA B 185 8.65 27.00 31.66
N PRO B 186 9.21 25.99 32.33
CA PRO B 186 10.12 25.07 31.64
C PRO B 186 9.42 24.03 30.79
N GLY B 187 8.13 23.82 30.96
CA GLY B 187 7.44 22.71 30.34
C GLY B 187 7.40 21.50 31.24
N ASN B 188 6.54 20.55 30.89
CA ASN B 188 6.39 19.27 31.57
C ASN B 188 6.03 19.39 33.04
N VAL B 189 5.53 20.55 33.50
CA VAL B 189 5.23 20.64 34.93
C VAL B 189 4.03 19.77 35.30
N GLY B 190 3.13 19.50 34.36
CA GLY B 190 2.07 18.55 34.62
C GLY B 190 2.61 17.15 34.85
N LEU B 191 3.68 16.77 34.13
CA LEU B 191 4.32 15.50 34.41
C LEU B 191 5.01 15.51 35.77
N LEU B 192 5.58 16.65 36.19
CA LEU B 192 6.15 16.76 37.52
C LEU B 192 5.09 16.75 38.62
N ASP B 193 3.89 17.26 38.34
CA ASP B 193 2.78 17.11 39.29
C ASP B 193 2.49 15.65 39.55
N GLN B 194 2.34 14.85 38.47
CA GLN B 194 2.16 13.40 38.60
C GLN B 194 3.25 12.78 39.45
N ARG B 195 4.51 13.14 39.16
CA ARG B 195 5.63 12.60 39.91
C ARG B 195 5.53 12.97 41.40
N MET B 196 5.24 14.24 41.70
CA MET B 196 5.13 14.65 43.10
C MET B 196 4.03 13.87 43.82
N ALA B 197 2.94 13.58 43.11
CA ALA B 197 1.91 12.73 43.71
C ALA B 197 2.44 11.31 43.92
N LEU B 198 3.18 10.79 42.93
CA LEU B 198 3.80 9.48 43.10
C LEU B 198 4.80 9.51 44.27
N GLN B 199 5.55 10.60 44.42
CA GLN B 199 6.47 10.70 45.55
C GLN B 199 5.71 10.69 46.88
N TRP B 200 4.55 11.35 46.93
CA TRP B 200 3.73 11.35 48.12
C TRP B 200 3.25 9.94 48.45
N VAL B 201 2.77 9.22 47.44
CA VAL B 201 2.38 7.82 47.62
C VAL B 201 3.55 7.00 48.15
N HIS B 202 4.74 7.21 47.58
CA HIS B 202 5.94 6.52 48.06
C HIS B 202 6.18 6.81 49.54
N ASP B 203 5.94 8.05 49.97
CA ASP B 203 6.25 8.47 51.33
C ASP B 203 5.15 8.13 52.32
N ASN B 204 3.91 8.01 51.88
CA ASN B 204 2.81 7.99 52.82
C ASN B 204 1.88 6.80 52.71
N ILE B 205 1.97 6.00 51.65
CA ILE B 205 0.90 5.04 51.41
C ILE B 205 0.97 3.91 52.42
N GLN B 206 2.14 3.68 53.02
CA GLN B 206 2.23 2.70 54.11
C GLN B 206 1.24 3.00 55.22
N PHE B 207 0.95 4.28 55.48
CA PHE B 207 0.03 4.65 56.57
C PHE B 207 -1.41 4.35 56.22
N PHE B 208 -1.70 4.07 54.95
CA PHE B 208 -3.04 3.68 54.51
C PHE B 208 -3.13 2.17 54.26
N GLY B 209 -2.09 1.42 54.57
CA GLY B 209 -2.13 -0.01 54.36
C GLY B 209 -1.61 -0.46 53.01
N GLY B 210 -0.87 0.40 52.32
CA GLY B 210 -0.32 0.08 51.01
C GLY B 210 1.18 -0.17 51.11
N ASP B 211 1.67 -1.04 50.21
CA ASP B 211 3.08 -1.31 50.08
C ASP B 211 3.68 -0.37 49.04
N PRO B 212 4.50 0.61 49.44
CA PRO B 212 5.14 1.49 48.44
C PRO B 212 6.08 0.78 47.49
N LYS B 213 6.50 -0.45 47.80
CA LYS B 213 7.33 -1.23 46.89
C LYS B 213 6.52 -1.95 45.81
N THR B 214 5.18 -1.92 45.88
CA THR B 214 4.34 -2.61 44.91
C THR B 214 3.26 -1.65 44.40
N VAL B 215 3.72 -0.54 43.82
CA VAL B 215 2.85 0.47 43.23
C VAL B 215 2.79 0.23 41.72
N THR B 216 1.58 0.04 41.20
CA THR B 216 1.34 0.01 39.75
C THR B 216 0.73 1.34 39.32
N ILE B 217 1.35 1.99 38.36
CA ILE B 217 0.72 3.16 37.76
C ILE B 217 -0.02 2.72 36.51
N PHE B 218 -1.24 3.23 36.35
CA PHE B 218 -2.02 2.95 35.16
C PHE B 218 -2.82 4.18 34.73
N GLY B 219 -3.08 4.25 33.42
CA GLY B 219 -3.72 5.40 32.85
C GLY B 219 -4.16 5.13 31.43
N GLU B 220 -5.13 5.92 30.99
CA GLU B 220 -5.69 5.78 29.65
C GLU B 220 -5.42 7.04 28.86
N SER B 221 -5.22 6.90 27.55
CA SER B 221 -5.04 8.04 26.66
C SER B 221 -3.78 8.78 27.10
N ALA B 222 -3.84 10.09 27.33
CA ALA B 222 -2.68 10.83 27.80
C ALA B 222 -2.18 10.29 29.14
N GLY B 223 -3.07 9.73 29.96
CA GLY B 223 -2.62 9.02 31.14
C GLY B 223 -1.79 7.78 30.81
N GLY B 224 -2.12 7.12 29.70
CA GLY B 224 -1.29 6.00 29.27
C GLY B 224 0.04 6.46 28.72
N ALA B 225 0.03 7.52 27.92
CA ALA B 225 1.27 8.13 27.47
C ALA B 225 2.12 8.56 28.66
N SER B 226 1.48 9.14 29.69
CA SER B 226 2.19 9.57 30.89
C SER B 226 2.86 8.41 31.59
N VAL B 227 2.12 7.30 31.77
CA VAL B 227 2.70 6.13 32.39
C VAL B 227 3.98 5.72 31.66
N GLY B 228 3.93 5.74 30.34
CA GLY B 228 5.13 5.40 29.58
C GLY B 228 6.21 6.44 29.71
N MET B 229 5.83 7.70 29.86
CA MET B 229 6.82 8.74 30.04
C MET B 229 7.54 8.57 31.38
N HIS B 230 6.83 8.11 32.42
CA HIS B 230 7.51 7.82 33.68
C HIS B 230 8.39 6.59 33.58
N ILE B 231 8.00 5.61 32.77
CA ILE B 231 8.91 4.50 32.47
C ILE B 231 10.21 5.04 31.86
N LEU B 232 10.09 6.02 30.97
CA LEU B 232 11.25 6.56 30.29
C LEU B 232 12.08 7.49 31.19
N SER B 233 11.42 8.35 31.96
CA SER B 233 12.15 9.41 32.65
C SER B 233 12.95 8.85 33.82
N PRO B 234 14.25 9.12 33.92
CA PRO B 234 15.01 8.62 35.08
C PRO B 234 14.48 9.15 36.40
N GLY B 235 14.07 10.42 36.44
CA GLY B 235 13.53 11.00 37.67
C GLY B 235 12.26 10.35 38.19
N SER B 236 11.63 9.45 37.42
CA SER B 236 10.38 8.84 37.85
C SER B 236 10.48 7.35 38.15
N ARG B 237 11.49 6.67 37.62
CA ARG B 237 11.49 5.20 37.58
C ARG B 237 11.38 4.59 38.97
N ASP B 238 12.03 5.17 39.96
CA ASP B 238 12.07 4.54 41.28
C ASP B 238 10.82 4.80 42.10
N LEU B 239 9.77 5.38 41.52
CA LEU B 239 8.57 5.72 42.26
C LEU B 239 7.41 4.77 41.99
N PHE B 240 7.65 3.69 41.26
CA PHE B 240 6.58 2.73 41.01
C PHE B 240 7.24 1.42 40.63
N ARG B 241 6.48 0.34 40.73
CA ARG B 241 6.96 -1.01 40.48
C ARG B 241 6.74 -1.46 39.03
N ARG B 242 5.51 -1.37 38.55
CA ARG B 242 5.16 -1.80 37.20
C ARG B 242 4.06 -0.87 36.65
N ALA B 243 3.59 -1.16 35.43
CA ALA B 243 2.82 -0.16 34.72
C ALA B 243 1.81 -0.77 33.76
N ILE B 244 0.65 -0.11 33.66
CA ILE B 244 -0.42 -0.43 32.72
C ILE B 244 -0.72 0.79 31.87
N LEU B 245 -0.69 0.62 30.55
CA LEU B 245 -0.96 1.68 29.58
C LEU B 245 -2.20 1.32 28.77
N GLN B 246 -3.21 2.19 28.76
CA GLN B 246 -4.46 1.94 28.04
C GLN B 246 -4.64 2.98 26.93
N SER B 247 -4.59 2.55 25.65
CA SER B 247 -4.90 3.44 24.53
C SER B 247 -4.03 4.69 24.54
N GLY B 248 -2.76 4.53 24.85
CA GLY B 248 -1.85 5.64 24.81
C GLY B 248 -0.45 5.14 25.08
N SER B 249 0.55 5.78 24.51
CA SER B 249 1.92 5.40 24.77
C SER B 249 2.79 6.63 24.57
N PRO B 250 4.02 6.63 25.09
CA PRO B 250 4.78 7.90 25.14
C PRO B 250 5.15 8.45 23.77
N ASN B 251 5.29 7.58 22.76
CA ASN B 251 5.71 7.96 21.44
C ASN B 251 4.56 8.37 20.51
N CYS B 252 3.35 8.52 21.03
CA CYS B 252 2.22 8.89 20.17
C CYS B 252 2.49 10.24 19.50
N PRO B 253 2.03 10.42 18.25
CA PRO B 253 2.33 11.68 17.55
C PRO B 253 1.73 12.90 18.23
N TRP B 254 0.66 12.73 18.98
CA TRP B 254 0.03 13.82 19.70
C TRP B 254 0.59 14.03 21.10
N ALA B 255 1.50 13.17 21.59
CA ALA B 255 1.81 13.14 23.01
C ALA B 255 3.01 14.00 23.40
N SER B 256 3.80 14.48 22.44
CA SER B 256 4.90 15.39 22.78
C SER B 256 5.17 16.32 21.61
N VAL B 257 6.03 17.31 21.88
CA VAL B 257 6.47 18.30 20.90
C VAL B 257 7.93 18.62 21.16
N SER B 258 8.60 19.18 20.15
CA SER B 258 9.96 19.67 20.33
C SER B 258 9.95 20.96 21.17
N VAL B 259 11.12 21.31 21.72
CA VAL B 259 11.20 22.56 22.47
C VAL B 259 10.93 23.75 21.54
N ALA B 260 11.31 23.64 20.27
CA ALA B 260 11.02 24.71 19.31
C ALA B 260 9.51 24.88 19.09
N GLU B 261 8.82 23.77 18.84
CA GLU B 261 7.37 23.88 18.64
C GLU B 261 6.67 24.29 19.94
N GLY B 262 7.15 23.81 21.08
CA GLY B 262 6.59 24.27 22.35
C GLY B 262 6.77 25.76 22.54
N ARG B 263 7.96 26.28 22.18
CA ARG B 263 8.18 27.72 22.21
C ARG B 263 7.23 28.44 21.27
N ARG B 264 7.16 27.99 20.01
CA ARG B 264 6.30 28.65 19.04
C ARG B 264 4.86 28.69 19.54
N ARG B 265 4.38 27.61 20.14
CA ARG B 265 3.00 27.60 20.58
C ARG B 265 2.80 28.51 21.78
N ALA B 266 3.80 28.62 22.65
CA ALA B 266 3.66 29.52 23.80
C ALA B 266 3.64 30.98 23.34
N VAL B 267 4.46 31.31 22.35
CA VAL B 267 4.48 32.68 21.83
C VAL B 267 3.18 32.99 21.11
N GLU B 268 2.66 32.02 20.34
CA GLU B 268 1.38 32.23 19.68
C GLU B 268 0.25 32.38 20.68
N LEU B 269 0.36 31.76 21.86
CA LEU B 269 -0.62 32.00 22.92
C LEU B 269 -0.53 33.45 23.39
N GLY B 270 0.69 33.97 23.56
CA GLY B 270 0.85 35.37 23.91
C GLY B 270 0.30 36.30 22.85
N ARG B 271 0.64 36.05 21.59
CA ARG B 271 0.16 36.90 20.50
C ARG B 271 -1.35 36.92 20.44
N ASN B 272 -1.99 35.77 20.73
CA ASN B 272 -3.45 35.69 20.77
C ASN B 272 -4.05 36.50 21.92
N LEU B 273 -3.25 36.90 22.91
CA LEU B 273 -3.76 37.65 24.05
C LEU B 273 -3.12 39.02 24.18
N ASN B 274 -2.57 39.54 23.09
CA ASN B 274 -1.92 40.86 23.06
C ASN B 274 -0.86 40.98 24.14
N CYS B 275 0.00 39.96 24.20
CA CYS B 275 1.05 39.94 25.19
C CYS B 275 2.35 40.50 24.62
N ASN B 276 3.18 41.01 25.51
CA ASN B 276 4.53 41.43 25.19
C ASN B 276 5.36 40.20 24.83
N LEU B 277 5.78 40.10 23.58
CA LEU B 277 6.54 38.93 23.11
C LEU B 277 8.05 39.17 23.14
N ASN B 278 8.49 40.25 23.80
CA ASN B 278 9.90 40.63 23.83
C ASN B 278 10.78 39.51 24.35
N SER B 279 10.40 38.93 25.48
CA SER B 279 11.26 37.99 26.20
C SER B 279 10.40 36.98 26.91
N ASP B 280 11.04 35.87 27.33
CA ASP B 280 10.35 34.90 28.16
C ASP B 280 9.76 35.56 29.40
N GLU B 281 10.54 36.41 30.08
CA GLU B 281 10.07 37.02 31.32
C GLU B 281 8.83 37.88 31.10
N GLU B 282 8.82 38.70 30.04
CA GLU B 282 7.68 39.58 29.78
C GLU B 282 6.47 38.79 29.30
N LEU B 283 6.70 37.81 28.41
CA LEU B 283 5.61 36.95 27.96
C LEU B 283 4.98 36.19 29.12
N ILE B 284 5.81 35.60 29.98
CA ILE B 284 5.31 34.83 31.12
C ILE B 284 4.59 35.75 32.10
N HIS B 285 5.20 36.90 32.42
CA HIS B 285 4.55 37.83 33.33
C HIS B 285 3.18 38.24 32.79
N CYS B 286 3.08 38.51 31.49
CA CYS B 286 1.80 38.81 30.86
C CYS B 286 0.82 37.65 31.03
N LEU B 287 1.27 36.42 30.70
CA LEU B 287 0.37 35.28 30.76
C LEU B 287 -0.08 34.96 32.18
N ARG B 288 0.75 35.29 33.17
CA ARG B 288 0.35 35.11 34.57
C ARG B 288 -0.70 36.10 35.03
N GLU B 289 -0.87 37.23 34.34
CA GLU B 289 -1.88 38.20 34.75
C GLU B 289 -3.27 37.83 34.28
N LYS B 290 -3.39 36.90 33.33
CA LYS B 290 -4.68 36.57 32.73
C LYS B 290 -5.46 35.62 33.63
N LYS B 291 -6.78 35.79 33.65
CA LYS B 291 -7.66 34.79 34.23
C LYS B 291 -7.52 33.47 33.46
N PRO B 292 -7.63 32.33 34.16
CA PRO B 292 -7.46 31.03 33.49
C PRO B 292 -8.29 30.86 32.23
N GLN B 293 -9.55 31.30 32.24
CA GLN B 293 -10.42 31.08 31.10
C GLN B 293 -10.00 31.89 29.87
N GLU B 294 -9.29 33.01 30.06
CA GLU B 294 -8.76 33.73 28.91
C GLU B 294 -7.69 32.92 28.19
N LEU B 295 -6.93 32.11 28.93
CA LEU B 295 -5.99 31.20 28.29
C LEU B 295 -6.74 30.08 27.58
N ILE B 296 -7.67 29.46 28.29
CA ILE B 296 -8.45 28.35 27.74
C ILE B 296 -9.17 28.76 26.46
N ASP B 297 -9.65 30.00 26.39
CA ASP B 297 -10.46 30.44 25.26
C ASP B 297 -9.69 30.46 23.95
N VAL B 298 -8.36 30.63 23.99
CA VAL B 298 -7.56 30.73 22.78
C VAL B 298 -6.65 29.53 22.60
N GLU B 299 -6.79 28.53 23.47
CA GLU B 299 -5.84 27.42 23.56
C GLU B 299 -5.72 26.69 22.23
N TRP B 300 -6.85 26.39 21.60
CA TRP B 300 -6.83 25.66 20.34
C TRP B 300 -6.26 26.47 19.19
N ASN B 301 -6.11 27.79 19.35
CA ASN B 301 -5.68 28.61 18.22
C ASN B 301 -4.19 28.43 17.89
N VAL B 302 -3.39 27.88 18.81
CA VAL B 302 -1.94 27.82 18.60
C VAL B 302 -1.51 26.56 17.84
N LEU B 303 -2.43 25.67 17.49
CA LEU B 303 -2.05 24.50 16.71
C LEU B 303 -1.57 24.92 15.32
N PRO B 304 -0.61 24.19 14.74
CA PRO B 304 -0.08 24.61 13.44
C PRO B 304 -1.02 24.32 12.27
N PHE B 305 -1.88 23.30 12.38
CA PHE B 305 -2.74 22.93 11.25
C PHE B 305 -4.15 22.66 11.74
N ASP B 306 -5.10 22.80 10.83
CA ASP B 306 -6.40 22.14 10.99
C ASP B 306 -6.14 20.64 11.15
N SER B 307 -6.63 20.07 12.24
CA SER B 307 -6.20 18.72 12.56
C SER B 307 -7.20 18.09 13.51
N ILE B 308 -7.25 16.77 13.53
CA ILE B 308 -7.91 16.08 14.61
C ILE B 308 -6.88 15.27 15.38
N PHE B 309 -7.22 14.93 16.62
CA PHE B 309 -6.32 14.18 17.52
C PHE B 309 -5.00 14.92 17.71
N ARG B 310 -5.05 16.26 17.75
CA ARG B 310 -3.89 17.09 18.08
C ARG B 310 -4.27 18.10 19.15
N PHE B 311 -3.34 18.33 20.08
CA PHE B 311 -3.57 19.09 21.30
C PHE B 311 -2.44 20.09 21.51
N SER B 312 -2.81 21.29 21.97
CA SER B 312 -1.89 22.43 21.93
C SER B 312 -0.73 22.29 22.92
N PHE B 313 -1.00 21.93 24.16
CA PHE B 313 0.03 22.00 25.20
C PHE B 313 0.28 20.62 25.78
N VAL B 314 1.41 20.03 25.39
CA VAL B 314 1.72 18.63 25.70
C VAL B 314 3.17 18.58 26.16
N PRO B 315 3.64 17.44 26.67
CA PRO B 315 5.05 17.32 27.05
C PRO B 315 6.02 17.74 25.94
N VAL B 316 7.15 18.31 26.36
CA VAL B 316 8.25 18.68 25.47
C VAL B 316 9.40 17.71 25.69
N ILE B 317 10.10 17.38 24.60
CA ILE B 317 11.33 16.62 24.67
C ILE B 317 12.44 17.62 25.02
N ASP B 318 12.78 17.71 26.31
CA ASP B 318 13.50 18.85 26.86
C ASP B 318 14.97 18.60 27.16
N GLY B 319 15.41 17.36 27.26
CA GLY B 319 16.74 17.08 27.75
C GLY B 319 16.86 16.97 29.25
N GLU B 320 15.75 17.14 29.99
CA GLU B 320 15.76 17.02 31.45
C GLU B 320 14.84 15.88 31.89
N PHE B 321 13.52 16.09 31.87
CA PHE B 321 12.60 14.97 32.04
C PHE B 321 12.90 13.85 31.04
N PHE B 322 13.20 14.20 29.80
CA PHE B 322 13.59 13.23 28.78
C PHE B 322 15.01 13.51 28.35
N PRO B 323 15.98 12.71 28.81
CA PRO B 323 17.39 12.96 28.44
C PRO B 323 17.63 13.13 26.96
N THR B 324 17.03 12.28 26.14
CA THR B 324 17.20 12.34 24.69
C THR B 324 15.85 12.08 24.04
N SER B 325 15.85 12.00 22.71
CA SER B 325 14.65 11.66 21.95
C SER B 325 14.07 10.36 22.47
N LEU B 326 12.74 10.23 22.37
CA LEU B 326 12.11 9.01 22.86
C LEU B 326 12.59 7.81 22.05
N GLU B 327 12.79 8.00 20.74
CA GLU B 327 13.18 6.88 19.90
C GLU B 327 14.57 6.36 20.26
N SER B 328 15.53 7.26 20.49
CA SER B 328 16.85 6.80 20.91
C SER B 328 16.80 6.13 22.29
N MET B 329 16.01 6.68 23.22
CA MET B 329 15.85 6.02 24.53
C MET B 329 15.28 4.61 24.37
N LEU B 330 14.23 4.47 23.56
CA LEU B 330 13.62 3.16 23.36
C LEU B 330 14.61 2.18 22.71
N ASN B 331 15.39 2.69 21.74
CA ASN B 331 16.36 1.86 21.02
C ASN B 331 17.47 1.40 21.95
N SER B 332 17.93 2.28 22.83
CA SER B 332 19.06 1.96 23.69
C SER B 332 18.66 1.17 24.93
N GLY B 333 17.37 0.99 25.18
CA GLY B 333 16.98 0.37 26.43
C GLY B 333 17.12 1.27 27.63
N ASN B 334 17.15 2.59 27.41
CA ASN B 334 17.27 3.56 28.49
C ASN B 334 15.87 3.82 29.05
N PHE B 335 15.42 2.91 29.91
CA PHE B 335 14.12 3.04 30.53
C PHE B 335 14.03 2.00 31.63
N LYS B 336 13.02 2.15 32.47
CA LYS B 336 12.81 1.20 33.56
C LYS B 336 12.46 -0.18 33.00
N LYS B 337 13.18 -1.19 33.46
CA LYS B 337 12.98 -2.57 33.05
C LYS B 337 12.10 -3.26 34.08
N THR B 338 10.87 -3.58 33.68
CA THR B 338 9.91 -4.20 34.59
C THR B 338 8.87 -4.91 33.71
N GLN B 339 7.69 -5.17 34.29
CA GLN B 339 6.57 -5.77 33.56
C GLN B 339 5.57 -4.69 33.18
N ILE B 340 4.98 -4.81 31.98
CA ILE B 340 3.95 -3.89 31.53
C ILE B 340 2.78 -4.68 30.95
N LEU B 341 1.59 -4.14 31.16
CA LEU B 341 0.37 -4.67 30.58
C LEU B 341 -0.30 -3.50 29.86
N LEU B 342 -0.67 -3.70 28.60
CA LEU B 342 -1.11 -2.57 27.78
C LEU B 342 -1.95 -3.08 26.62
N GLY B 343 -2.64 -2.15 25.98
CA GLY B 343 -3.51 -2.51 24.87
C GLY B 343 -4.31 -1.33 24.38
N VAL B 344 -5.26 -1.65 23.47
CA VAL B 344 -6.01 -0.67 22.70
C VAL B 344 -7.45 -1.15 22.55
N ASN B 345 -8.31 -0.22 22.11
CA ASN B 345 -9.70 -0.47 21.75
C ASN B 345 -9.83 -0.57 20.24
N LYS B 346 -10.89 -1.23 19.80
CA LYS B 346 -11.04 -1.54 18.38
C LYS B 346 -11.21 -0.27 17.54
N ASP B 347 -11.93 0.74 18.06
CA ASP B 347 -12.26 1.91 17.23
C ASP B 347 -11.83 3.20 17.90
N GLU B 348 -10.51 3.32 18.14
CA GLU B 348 -9.99 4.50 18.82
C GLU B 348 -10.34 5.80 18.09
N GLY B 349 -10.47 5.75 16.76
CA GLY B 349 -10.58 6.98 16.01
C GLY B 349 -11.94 7.64 16.01
N SER B 350 -13.00 6.92 16.37
CA SER B 350 -14.34 7.36 15.99
C SER B 350 -14.75 8.64 16.73
N PHE B 351 -14.41 8.75 18.02
CA PHE B 351 -14.74 9.94 18.79
C PHE B 351 -14.17 11.20 18.15
N PHE B 352 -12.91 11.15 17.71
CA PHE B 352 -12.28 12.33 17.13
C PHE B 352 -12.87 12.66 15.77
N LEU B 353 -13.35 11.67 15.03
CA LEU B 353 -13.99 11.98 13.76
C LEU B 353 -15.34 12.67 13.98
N LEU B 354 -16.09 12.18 14.97
CA LEU B 354 -17.38 12.78 15.28
C LEU B 354 -17.23 14.27 15.56
N TYR B 355 -16.20 14.63 16.31
CA TYR B 355 -16.06 15.99 16.80
C TYR B 355 -15.35 16.92 15.83
N GLY B 356 -14.62 16.37 14.84
CA GLY B 356 -13.76 17.22 14.06
C GLY B 356 -13.68 17.00 12.55
N ALA B 357 -14.37 16.00 12.00
CA ALA B 357 -14.20 15.76 10.56
C ALA B 357 -15.52 15.84 9.81
N PRO B 358 -15.51 16.32 8.56
CA PRO B 358 -16.78 16.52 7.85
C PRO B 358 -17.48 15.20 7.55
N GLY B 359 -18.80 15.19 7.80
CA GLY B 359 -19.68 14.12 7.40
C GLY B 359 -20.10 13.17 8.50
N PHE B 360 -19.54 13.33 9.70
CA PHE B 360 -19.84 12.46 10.83
C PHE B 360 -20.91 13.10 11.70
N SER B 361 -21.79 12.29 12.25
CA SER B 361 -22.85 12.79 13.11
C SER B 361 -23.22 11.73 14.14
N LYS B 362 -23.56 12.18 15.35
CA LYS B 362 -23.93 11.18 16.35
C LYS B 362 -25.33 10.63 16.12
N ASP B 363 -26.10 11.26 15.22
CA ASP B 363 -27.48 10.92 14.98
C ASP B 363 -27.71 10.30 13.59
N SER B 364 -26.65 9.86 12.91
CA SER B 364 -26.80 9.17 11.64
C SER B 364 -25.69 8.14 11.53
N GLU B 365 -25.80 7.31 10.49
CA GLU B 365 -24.79 6.30 10.21
C GLU B 365 -23.49 6.89 9.70
N SER B 366 -23.48 8.18 9.36
CA SER B 366 -22.27 8.89 8.98
C SER B 366 -21.53 8.19 7.83
N LYS B 367 -22.28 7.82 6.80
CA LYS B 367 -21.64 7.35 5.57
C LYS B 367 -20.88 8.52 4.94
N ILE B 368 -19.63 8.27 4.58
CA ILE B 368 -18.69 9.32 4.24
C ILE B 368 -18.52 9.33 2.72
N SER B 369 -18.76 10.49 2.12
CA SER B 369 -18.49 10.66 0.71
C SER B 369 -16.99 10.64 0.46
N ARG B 370 -16.63 10.41 -0.80
CA ARG B 370 -15.23 10.38 -1.20
C ARG B 370 -14.55 11.72 -0.92
N GLU B 371 -15.26 12.81 -1.18
CA GLU B 371 -14.74 14.14 -0.89
C GLU B 371 -14.45 14.31 0.60
N ASP B 372 -15.41 13.94 1.46
CA ASP B 372 -15.21 14.02 2.89
C ASP B 372 -14.11 13.07 3.37
N PHE B 373 -13.99 11.90 2.73
CA PHE B 373 -12.88 10.99 3.05
C PHE B 373 -11.54 11.68 2.83
N MET B 374 -11.35 12.28 1.65
CA MET B 374 -10.09 12.97 1.38
CA MET B 374 -10.09 12.96 1.39
C MET B 374 -9.85 14.10 2.37
N SER B 375 -10.92 14.82 2.76
CA SER B 375 -10.79 15.88 3.76
C SER B 375 -10.38 15.32 5.12
N GLY B 376 -10.96 14.18 5.50
CA GLY B 376 -10.58 13.56 6.76
C GLY B 376 -9.15 13.08 6.77
N VAL B 377 -8.64 12.60 5.63
CA VAL B 377 -7.26 12.11 5.62
C VAL B 377 -6.31 13.27 5.92
N LYS B 378 -6.53 14.41 5.28
CA LYS B 378 -5.65 15.55 5.50
C LYS B 378 -5.73 16.04 6.95
N LEU B 379 -6.92 16.02 7.56
CA LEU B 379 -7.03 16.39 8.98
C LEU B 379 -6.36 15.36 9.88
N SER B 380 -6.42 14.09 9.51
CA SER B 380 -5.90 13.01 10.36
C SER B 380 -4.38 12.96 10.34
N VAL B 381 -3.75 13.37 9.24
CA VAL B 381 -2.30 13.31 9.13
C VAL B 381 -1.81 14.69 8.71
N PRO B 382 -1.95 15.69 9.57
CA PRO B 382 -1.79 17.08 9.13
C PRO B 382 -0.37 17.45 8.79
N HIS B 383 0.61 16.70 9.26
CA HIS B 383 2.01 17.00 9.01
C HIS B 383 2.50 16.43 7.69
N ALA B 384 1.65 15.73 6.92
CA ALA B 384 2.11 15.02 5.73
C ALA B 384 2.11 15.94 4.52
N ASN B 385 3.06 15.71 3.62
CA ASN B 385 3.01 16.32 2.31
C ASN B 385 2.00 15.58 1.44
N ASP B 386 1.81 16.06 0.21
CA ASP B 386 0.81 15.46 -0.65
C ASP B 386 1.17 14.03 -1.01
N LEU B 387 2.46 13.74 -1.21
CA LEU B 387 2.84 12.36 -1.48
C LEU B 387 2.46 11.45 -0.32
N GLY B 388 2.68 11.90 0.91
CA GLY B 388 2.24 11.14 2.07
C GLY B 388 0.73 10.97 2.13
N LEU B 389 -0.02 12.04 1.83
CA LEU B 389 -1.47 11.93 1.85
C LEU B 389 -1.95 10.94 0.79
N ASP B 390 -1.31 10.94 -0.38
CA ASP B 390 -1.59 9.91 -1.39
C ASP B 390 -1.31 8.52 -0.87
N ALA B 391 -0.19 8.35 -0.15
CA ALA B 391 0.16 7.03 0.37
C ALA B 391 -0.89 6.54 1.35
N VAL B 392 -1.34 7.42 2.27
CA VAL B 392 -2.36 7.03 3.24
C VAL B 392 -3.64 6.66 2.51
N THR B 393 -4.05 7.51 1.57
CA THR B 393 -5.27 7.29 0.82
C THR B 393 -5.24 5.92 0.14
N LEU B 394 -4.14 5.62 -0.54
CA LEU B 394 -4.03 4.36 -1.26
C LEU B 394 -4.10 3.17 -0.31
N GLN B 395 -3.42 3.28 0.84
CA GLN B 395 -3.43 2.20 1.81
C GLN B 395 -4.82 1.92 2.36
N TYR B 396 -5.69 2.92 2.47
CA TYR B 396 -6.97 2.72 3.12
C TYR B 396 -8.16 2.87 2.18
N THR B 397 -7.95 2.84 0.86
CA THR B 397 -9.05 2.94 -0.10
C THR B 397 -9.18 1.65 -0.90
N ASP B 398 -10.41 1.15 -0.99
CA ASP B 398 -10.74 0.00 -1.84
C ASP B 398 -11.17 0.59 -3.19
N TRP B 399 -10.29 0.50 -4.18
CA TRP B 399 -10.53 1.14 -5.47
C TRP B 399 -11.48 0.37 -6.37
N MET B 400 -11.94 -0.81 -5.95
CA MET B 400 -13.09 -1.45 -6.60
C MET B 400 -14.40 -0.81 -6.20
N ASP B 401 -14.40 0.04 -5.17
CA ASP B 401 -15.62 0.42 -4.48
C ASP B 401 -15.42 1.70 -3.67
N ASP B 402 -14.84 2.73 -4.31
CA ASP B 402 -14.36 3.91 -3.59
C ASP B 402 -15.46 4.87 -3.16
N ASN B 403 -16.69 4.71 -3.68
CA ASN B 403 -17.79 5.57 -3.28
C ASN B 403 -18.67 4.93 -2.21
N ASN B 404 -18.24 3.82 -1.65
CA ASN B 404 -18.99 3.14 -0.61
C ASN B 404 -18.84 3.93 0.69
N GLY B 405 -19.92 4.61 1.10
CA GLY B 405 -19.85 5.51 2.26
C GLY B 405 -19.52 4.80 3.56
N ILE B 406 -19.87 3.51 3.67
CA ILE B 406 -19.52 2.74 4.85
C ILE B 406 -18.03 2.38 4.86
N LYS B 407 -17.49 1.93 3.72
CA LYS B 407 -16.07 1.63 3.69
C LYS B 407 -15.22 2.89 3.86
N ASN B 408 -15.72 4.02 3.37
CA ASN B 408 -15.00 5.28 3.55
C ASN B 408 -14.99 5.70 5.01
N ARG B 409 -16.13 5.54 5.69
CA ARG B 409 -16.24 5.84 7.11
C ARG B 409 -15.31 4.97 7.93
N ASP B 410 -15.41 3.65 7.74
CA ASP B 410 -14.59 2.72 8.49
C ASP B 410 -13.11 2.87 8.14
N GLY B 411 -12.80 3.16 6.87
CA GLY B 411 -11.40 3.42 6.51
C GLY B 411 -10.82 4.60 7.26
N LEU B 412 -11.56 5.71 7.31
CA LEU B 412 -11.12 6.90 8.06
C LEU B 412 -11.00 6.60 9.56
N ASP B 413 -11.96 5.86 10.12
CA ASP B 413 -11.87 5.47 11.52
C ASP B 413 -10.56 4.73 11.77
N ASP B 414 -10.26 3.73 10.93
CA ASP B 414 -9.01 2.98 11.02
C ASP B 414 -7.79 3.88 10.87
N ILE B 415 -7.82 4.82 9.93
CA ILE B 415 -6.69 5.74 9.78
C ILE B 415 -6.39 6.44 11.12
N VAL B 416 -7.42 7.05 11.70
CA VAL B 416 -7.21 7.84 12.92
C VAL B 416 -6.72 6.96 14.06
N GLY B 417 -7.37 5.81 14.27
CA GLY B 417 -6.98 4.96 15.37
C GLY B 417 -5.59 4.36 15.19
N ASP B 418 -5.27 3.90 13.97
CA ASP B 418 -3.98 3.26 13.72
C ASP B 418 -2.84 4.24 13.89
N HIS B 419 -2.96 5.42 13.28
CA HIS B 419 -1.88 6.40 13.33
C HIS B 419 -1.68 6.95 14.73
N ASN B 420 -2.76 7.26 15.43
CA ASN B 420 -2.65 7.99 16.68
C ASN B 420 -2.52 7.07 17.89
N VAL B 421 -3.09 5.88 17.84
CA VAL B 421 -3.06 5.04 19.03
C VAL B 421 -2.40 3.68 18.76
N ILE B 422 -2.95 2.90 17.82
CA ILE B 422 -2.57 1.49 17.78
C ILE B 422 -1.12 1.31 17.33
N CYS B 423 -0.72 1.95 16.26
CA CYS B 423 0.61 1.65 15.75
C CYS B 423 1.72 2.30 16.60
N PRO B 424 1.52 3.52 17.14
CA PRO B 424 2.47 4.00 18.17
C PRO B 424 2.65 3.03 19.32
N LEU B 425 1.55 2.47 19.81
CA LEU B 425 1.64 1.53 20.93
C LEU B 425 2.32 0.24 20.51
N MET B 426 2.10 -0.21 19.27
CA MET B 426 2.78 -1.41 18.82
C MET B 426 4.27 -1.17 18.64
N HIS B 427 4.65 0.02 18.19
CA HIS B 427 6.06 0.37 18.12
C HIS B 427 6.68 0.36 19.52
N PHE B 428 5.97 0.92 20.49
CA PHE B 428 6.46 0.93 21.87
C PHE B 428 6.56 -0.48 22.41
N VAL B 429 5.52 -1.29 22.20
CA VAL B 429 5.51 -2.63 22.78
C VAL B 429 6.65 -3.48 22.23
N ASN B 430 6.98 -3.29 20.95
CA ASN B 430 8.03 -4.07 20.34
C ASN B 430 9.41 -3.60 20.81
N LYS B 431 9.62 -2.29 20.94
CA LYS B 431 10.89 -1.83 21.49
C LYS B 431 11.04 -2.22 22.96
N TYR B 432 9.98 -2.04 23.74
CA TYR B 432 10.09 -2.29 25.18
C TYR B 432 10.38 -3.76 25.47
N THR B 433 9.68 -4.67 24.79
CA THR B 433 9.81 -6.10 25.03
C THR B 433 11.25 -6.61 24.82
N LYS B 434 12.06 -5.92 24.00
CA LYS B 434 13.45 -6.31 23.82
C LYS B 434 14.25 -6.25 25.12
N PHE B 435 13.86 -5.37 26.04
CA PHE B 435 14.60 -5.17 27.28
C PHE B 435 13.77 -5.43 28.54
N GLY B 436 12.46 -5.33 28.47
CA GLY B 436 11.62 -5.44 29.65
C GLY B 436 11.66 -6.83 30.27
N ASN B 437 10.83 -6.99 31.31
CA ASN B 437 10.77 -8.23 32.09
C ASN B 437 9.41 -8.92 31.98
N GLY B 438 8.62 -8.59 30.96
CA GLY B 438 7.36 -9.25 30.77
C GLY B 438 6.35 -8.30 30.16
N THR B 439 5.73 -8.69 29.05
CA THR B 439 4.76 -7.83 28.37
C THR B 439 3.48 -8.62 28.15
N TYR B 440 2.35 -7.98 28.48
CA TYR B 440 1.03 -8.54 28.24
C TYR B 440 0.25 -7.52 27.43
N LEU B 441 -0.27 -7.94 26.28
CA LEU B 441 -0.95 -7.05 25.34
C LEU B 441 -2.38 -7.51 25.10
N TYR B 442 -3.34 -6.56 25.08
CA TYR B 442 -4.75 -6.86 24.88
C TYR B 442 -5.32 -6.02 23.74
N PHE B 443 -6.48 -6.46 23.24
CA PHE B 443 -7.25 -5.76 22.20
C PHE B 443 -8.70 -5.74 22.70
N PHE B 444 -9.16 -4.60 23.20
CA PHE B 444 -10.49 -4.49 23.78
C PHE B 444 -11.50 -4.18 22.68
N ASN B 445 -12.41 -5.11 22.42
CA ASN B 445 -13.33 -4.95 21.30
C ASN B 445 -14.76 -5.31 21.70
N HIS B 446 -15.13 -5.01 22.93
CA HIS B 446 -16.50 -5.16 23.39
C HIS B 446 -17.24 -3.84 23.28
N ARG B 447 -18.33 -3.83 22.52
CA ARG B 447 -19.26 -2.72 22.48
C ARG B 447 -20.29 -2.90 23.58
N ALA B 448 -20.38 -1.93 24.49
CA ALA B 448 -21.25 -2.06 25.66
C ALA B 448 -22.71 -2.08 25.26
N SER B 449 -23.48 -2.95 25.91
CA SER B 449 -24.90 -3.10 25.59
C SER B 449 -25.68 -1.81 25.80
N ASN B 450 -25.27 -0.98 26.76
CA ASN B 450 -26.00 0.25 27.09
C ASN B 450 -25.30 1.50 26.58
N LEU B 451 -24.46 1.39 25.56
CA LEU B 451 -23.78 2.58 25.05
C LEU B 451 -24.78 3.58 24.49
N VAL B 452 -24.50 4.87 24.69
CA VAL B 452 -25.39 5.94 24.24
C VAL B 452 -24.95 6.52 22.92
N TRP B 453 -23.77 6.20 22.48
CA TRP B 453 -23.22 6.65 21.21
C TRP B 453 -23.64 5.70 20.08
N PRO B 454 -23.70 6.21 18.86
CA PRO B 454 -24.24 5.39 17.76
C PRO B 454 -23.34 4.22 17.38
N GLU B 455 -23.95 3.31 16.62
CA GLU B 455 -23.31 2.04 16.30
C GLU B 455 -22.05 2.23 15.47
N TRP B 456 -22.01 3.24 14.60
CA TRP B 456 -20.87 3.35 13.69
C TRP B 456 -19.57 3.62 14.43
N MET B 457 -19.66 4.16 15.65
CA MET B 457 -18.49 4.52 16.43
C MET B 457 -17.81 3.32 17.06
N GLY B 458 -18.49 2.18 17.12
CA GLY B 458 -17.83 0.95 17.55
C GLY B 458 -17.43 0.99 19.02
N VAL B 459 -16.21 0.52 19.28
CA VAL B 459 -15.65 0.45 20.62
C VAL B 459 -14.77 1.68 20.79
N ILE B 460 -15.26 2.64 21.50
CA ILE B 460 -14.82 4.02 21.48
C ILE B 460 -13.63 4.23 22.42
N HIS B 461 -12.80 5.21 22.07
CA HIS B 461 -11.70 5.70 22.88
C HIS B 461 -12.21 6.14 24.26
N GLY B 462 -11.82 5.44 25.31
CA GLY B 462 -12.23 5.75 26.67
C GLY B 462 -13.21 4.76 27.28
N TYR B 463 -13.85 3.92 26.46
CA TYR B 463 -14.98 3.14 26.94
C TYR B 463 -14.59 1.75 27.40
N GLU B 464 -13.28 1.46 27.50
CA GLU B 464 -12.88 0.32 28.32
C GLU B 464 -12.76 0.69 29.79
N ILE B 465 -12.66 1.99 30.11
CA ILE B 465 -12.41 2.42 31.49
C ILE B 465 -13.51 1.95 32.43
N GLU B 466 -14.76 2.05 31.99
CA GLU B 466 -15.87 1.65 32.87
C GLU B 466 -15.78 0.18 33.26
N PHE B 467 -15.18 -0.65 32.40
CA PHE B 467 -14.97 -2.06 32.73
C PHE B 467 -13.81 -2.24 33.71
N VAL B 468 -12.73 -1.51 33.48
CA VAL B 468 -11.58 -1.56 34.38
C VAL B 468 -11.99 -1.14 35.81
N PHE B 469 -12.91 -0.18 35.93
CA PHE B 469 -13.31 0.35 37.22
C PHE B 469 -14.55 -0.31 37.79
N GLY B 470 -15.06 -1.35 37.13
CA GLY B 470 -16.05 -2.20 37.75
C GLY B 470 -17.46 -1.66 37.71
N LEU B 471 -17.72 -0.61 36.94
CA LEU B 471 -19.08 -0.10 36.84
C LEU B 471 -20.13 -1.15 36.46
N PRO B 472 -19.87 -2.13 35.58
CA PRO B 472 -20.90 -3.13 35.30
C PRO B 472 -21.36 -3.90 36.53
N LEU B 473 -20.64 -3.82 37.65
CA LEU B 473 -21.07 -4.51 38.86
C LEU B 473 -22.26 -3.82 39.51
N VAL B 474 -22.54 -2.59 39.13
CA VAL B 474 -23.65 -1.81 39.68
C VAL B 474 -24.91 -2.14 38.89
N LYS B 475 -25.83 -2.88 39.51
CA LYS B 475 -26.99 -3.37 38.77
C LYS B 475 -27.81 -2.22 38.18
N GLU B 476 -27.87 -1.09 38.88
CA GLU B 476 -28.64 0.05 38.40
C GLU B 476 -28.13 0.55 37.05
N LEU B 477 -26.86 0.35 36.74
CA LEU B 477 -26.32 0.88 35.49
C LEU B 477 -26.71 0.07 34.26
N ASN B 478 -27.37 -1.08 34.45
CA ASN B 478 -28.04 -1.82 33.36
C ASN B 478 -27.06 -2.44 32.38
N TYR B 479 -25.93 -2.93 32.88
CA TYR B 479 -25.11 -3.80 32.06
C TYR B 479 -25.66 -5.23 32.11
N THR B 480 -25.28 -6.04 31.12
CA THR B 480 -25.67 -7.44 31.10
C THR B 480 -24.88 -8.25 32.12
N ALA B 481 -25.38 -9.45 32.41
CA ALA B 481 -24.61 -10.35 33.28
C ALA B 481 -23.26 -10.72 32.65
N GLU B 482 -23.19 -10.81 31.33
CA GLU B 482 -21.91 -11.14 30.70
C GLU B 482 -20.94 -9.96 30.78
N GLU B 483 -21.46 -8.74 30.78
CA GLU B 483 -20.58 -7.58 30.95
C GLU B 483 -20.07 -7.47 32.39
N GLU B 484 -20.93 -7.77 33.37
CA GLU B 484 -20.43 -7.87 34.74
C GLU B 484 -19.30 -8.89 34.84
N ALA B 485 -19.47 -10.05 34.20
CA ALA B 485 -18.43 -11.07 34.25
C ALA B 485 -17.17 -10.58 33.54
N LEU B 486 -17.32 -9.85 32.44
CA LEU B 486 -16.14 -9.31 31.76
C LEU B 486 -15.42 -8.30 32.63
N SER B 487 -16.17 -7.38 33.25
CA SER B 487 -15.56 -6.41 34.17
C SER B 487 -14.81 -7.10 35.30
N ARG B 488 -15.41 -8.14 35.89
CA ARG B 488 -14.73 -8.84 36.99
C ARG B 488 -13.46 -9.53 36.52
N ARG B 489 -13.46 -10.07 35.30
CA ARG B 489 -12.25 -10.69 34.76
C ARG B 489 -11.16 -9.65 34.53
N ILE B 490 -11.55 -8.48 33.99
CA ILE B 490 -10.60 -7.41 33.68
C ILE B 490 -10.01 -6.84 34.97
N MET B 491 -10.87 -6.57 35.96
CA MET B 491 -10.36 -6.08 37.24
C MET B 491 -9.41 -7.07 37.88
N HIS B 492 -9.73 -8.38 37.78
CA HIS B 492 -8.82 -9.38 38.35
C HIS B 492 -7.51 -9.47 37.59
N TYR B 493 -7.55 -9.42 36.25
CA TYR B 493 -6.31 -9.36 35.47
C TYR B 493 -5.45 -8.18 35.89
N TRP B 494 -6.05 -6.98 35.93
CA TRP B 494 -5.30 -5.76 36.24
C TRP B 494 -4.73 -5.82 37.65
N ALA B 495 -5.51 -6.31 38.61
CA ALA B 495 -5.06 -6.32 40.00
C ALA B 495 -4.04 -7.43 40.24
N THR B 496 -4.28 -8.62 39.67
CA THR B 496 -3.27 -9.68 39.75
C THR B 496 -1.98 -9.25 39.07
N PHE B 497 -2.08 -8.54 37.94
CA PHE B 497 -0.86 -7.98 37.35
C PHE B 497 -0.18 -7.02 38.32
N ALA B 498 -0.94 -6.08 38.90
CA ALA B 498 -0.35 -5.14 39.86
C ALA B 498 0.34 -5.87 41.00
N LYS B 499 -0.27 -6.93 41.52
CA LYS B 499 0.28 -7.65 42.66
C LYS B 499 1.52 -8.46 42.29
N THR B 500 1.55 -9.07 41.10
CA THR B 500 2.50 -10.14 40.79
C THR B 500 3.36 -9.90 39.56
N GLY B 501 2.99 -8.98 38.67
CA GLY B 501 3.64 -8.87 37.39
C GLY B 501 3.08 -9.79 36.32
N ASN B 502 2.04 -10.55 36.62
CA ASN B 502 1.41 -11.51 35.73
C ASN B 502 -0.09 -11.42 35.93
N PRO B 503 -0.86 -11.15 34.86
CA PRO B 503 -2.34 -11.07 35.02
C PRO B 503 -2.97 -12.41 35.34
N ASN B 504 -2.25 -13.50 35.11
CA ASN B 504 -2.77 -14.84 35.33
C ASN B 504 -2.51 -15.30 36.75
N GLU B 505 -3.45 -16.06 37.30
CA GLU B 505 -3.19 -16.84 38.50
C GLU B 505 -2.76 -18.24 38.09
N PRO B 506 -1.47 -18.58 38.14
CA PRO B 506 -1.07 -19.96 37.83
C PRO B 506 -1.64 -20.90 38.87
N HIS B 507 -1.63 -22.19 38.53
CA HIS B 507 -2.28 -23.24 39.31
C HIS B 507 -3.80 -23.14 39.21
N SER B 508 -4.31 -22.06 38.60
CA SER B 508 -5.74 -21.98 38.31
C SER B 508 -6.04 -22.65 36.98
N GLN B 509 -7.32 -22.86 36.71
CA GLN B 509 -7.73 -23.49 35.46
C GLN B 509 -8.49 -22.55 34.55
N GLU B 510 -8.25 -21.25 34.64
CA GLU B 510 -8.77 -20.31 33.67
C GLU B 510 -7.82 -20.24 32.48
N SER B 511 -8.38 -19.87 31.32
CA SER B 511 -7.56 -19.60 30.14
C SER B 511 -6.44 -18.63 30.51
N LYS B 512 -5.27 -18.85 29.95
CA LYS B 512 -4.08 -18.08 30.31
C LYS B 512 -3.76 -17.06 29.23
N TRP B 513 -3.61 -15.81 29.66
CA TRP B 513 -3.13 -14.71 28.83
C TRP B 513 -1.63 -14.89 28.62
N PRO B 514 -1.17 -15.16 27.40
CA PRO B 514 0.25 -15.41 27.20
C PRO B 514 1.06 -14.14 27.16
N LEU B 515 2.33 -14.28 27.55
CA LEU B 515 3.32 -13.24 27.34
C LEU B 515 3.41 -12.85 25.87
N PHE B 516 3.46 -11.54 25.61
CA PHE B 516 3.93 -11.02 24.35
C PHE B 516 5.45 -11.18 24.27
N THR B 517 5.94 -11.88 23.23
CA THR B 517 7.37 -12.05 23.01
C THR B 517 7.76 -11.47 21.66
N THR B 518 9.04 -11.12 21.54
CA THR B 518 9.54 -10.56 20.28
C THR B 518 9.23 -11.47 19.09
N LYS B 519 9.31 -12.79 19.29
CA LYS B 519 9.13 -13.71 18.17
C LYS B 519 7.65 -13.96 17.87
N GLU B 520 6.88 -14.39 18.87
CA GLU B 520 5.49 -14.80 18.64
C GLU B 520 4.47 -13.65 18.74
N GLN B 521 4.78 -12.58 19.47
CA GLN B 521 3.97 -11.35 19.44
C GLN B 521 2.49 -11.61 19.76
N LYS B 522 2.21 -12.45 20.74
CA LYS B 522 0.85 -12.83 21.04
C LYS B 522 0.12 -11.75 21.84
N PHE B 523 -1.21 -11.76 21.71
CA PHE B 523 -2.10 -10.87 22.45
C PHE B 523 -3.45 -11.55 22.52
N ILE B 524 -4.32 -11.03 23.40
CA ILE B 524 -5.65 -11.58 23.57
C ILE B 524 -6.67 -10.51 23.24
N ASP B 525 -7.86 -10.95 22.82
CA ASP B 525 -9.02 -10.07 22.82
C ASP B 525 -9.61 -10.02 24.22
N LEU B 526 -10.14 -8.86 24.59
CA LEU B 526 -10.95 -8.73 25.80
C LEU B 526 -12.38 -8.46 25.36
N ASN B 527 -13.26 -9.42 25.62
CA ASN B 527 -14.68 -9.27 25.30
C ASN B 527 -15.40 -10.37 26.06
N THR B 528 -16.67 -10.59 25.75
CA THR B 528 -17.48 -11.51 26.54
C THR B 528 -17.39 -12.95 26.07
N GLU B 529 -16.61 -13.21 25.04
CA GLU B 529 -16.40 -14.52 24.47
C GLU B 529 -15.20 -15.21 25.13
N PRO B 530 -15.18 -16.54 25.14
CA PRO B 530 -13.97 -17.27 25.53
C PRO B 530 -12.73 -16.69 24.86
N MET B 531 -11.62 -16.77 25.58
CA MET B 531 -10.39 -16.13 25.16
C MET B 531 -9.92 -16.65 23.81
N LYS B 532 -9.40 -15.73 22.99
CA LYS B 532 -8.71 -16.06 21.76
C LYS B 532 -7.33 -15.42 21.82
N VAL B 533 -6.31 -16.18 21.46
CA VAL B 533 -4.96 -15.68 21.33
C VAL B 533 -4.71 -15.38 19.86
N HIS B 534 -4.19 -14.21 19.57
CA HIS B 534 -3.83 -13.82 18.22
C HIS B 534 -2.38 -13.39 18.21
N GLN B 535 -1.86 -13.15 17.00
CA GLN B 535 -0.49 -12.68 16.83
C GLN B 535 -0.45 -11.47 15.93
N ARG B 536 0.54 -10.59 16.17
CA ARG B 536 0.89 -9.48 15.30
C ARG B 536 -0.29 -8.52 15.11
N LEU B 537 -0.60 -7.84 16.20
CA LEU B 537 -1.74 -6.92 16.21
CA LEU B 537 -1.74 -6.92 16.21
C LEU B 537 -1.58 -5.85 15.12
N ARG B 538 -2.50 -5.88 14.15
CA ARG B 538 -2.60 -4.89 13.07
C ARG B 538 -1.24 -4.64 12.40
N VAL B 539 -0.54 -5.75 12.14
CA VAL B 539 0.84 -5.65 11.70
C VAL B 539 0.92 -4.99 10.34
N GLN B 540 -0.01 -5.33 9.43
CA GLN B 540 0.06 -4.79 8.06
C GLN B 540 0.03 -3.26 8.09
N MET B 541 -0.98 -2.69 8.74
CA MET B 541 -1.08 -1.24 8.78
C MET B 541 0.07 -0.61 9.57
N CYS B 542 0.53 -1.27 10.63
CA CYS B 542 1.55 -0.63 11.44
C CYS B 542 2.92 -0.65 10.76
N VAL B 543 3.20 -1.64 9.90
CA VAL B 543 4.39 -1.53 9.04
C VAL B 543 4.32 -0.24 8.23
N PHE B 544 3.15 0.05 7.63
CA PHE B 544 2.96 1.31 6.91
C PHE B 544 3.18 2.54 7.81
N TRP B 545 2.53 2.59 8.98
CA TRP B 545 2.64 3.78 9.83
C TRP B 545 4.01 3.89 10.49
N ASN B 546 4.61 2.76 10.89
CA ASN B 546 5.84 2.82 11.69
C ASN B 546 7.11 2.76 10.85
N GLN B 547 7.07 2.13 9.67
CA GLN B 547 8.28 2.04 8.84
C GLN B 547 8.13 2.79 7.53
N PHE B 548 7.13 2.49 6.71
CA PHE B 548 7.11 3.07 5.37
C PHE B 548 6.83 4.58 5.39
N LEU B 549 5.70 4.99 5.99
CA LEU B 549 5.32 6.40 5.86
C LEU B 549 6.36 7.36 6.42
N PRO B 550 6.99 7.10 7.58
CA PRO B 550 8.02 8.04 8.05
C PRO B 550 9.21 8.15 7.11
N LYS B 551 9.59 7.04 6.46
CA LYS B 551 10.62 7.11 5.44
C LYS B 551 10.17 7.97 4.26
N LEU B 552 8.91 7.82 3.83
CA LEU B 552 8.41 8.67 2.75
C LEU B 552 8.45 10.15 3.14
N LEU B 553 8.10 10.47 4.40
CA LEU B 553 8.09 11.86 4.82
C LEU B 553 9.48 12.41 5.07
N ASN B 554 10.42 11.55 5.48
CA ASN B 554 11.81 11.96 5.64
C ASN B 554 12.53 12.11 4.31
N ALA B 555 12.05 11.46 3.25
CA ALA B 555 12.66 11.68 1.94
C ALA B 555 12.16 12.97 1.31
N THR B 556 10.86 13.22 1.44
CA THR B 556 10.20 14.42 0.91
C THR B 556 9.63 15.26 2.05
#